data_5AB3
#
_entry.id   5AB3
#
_cell.length_a   61.196
_cell.length_b   61.196
_cell.length_c   391.887
_cell.angle_alpha   90.00
_cell.angle_beta   90.00
_cell.angle_gamma   120.00
#
_symmetry.space_group_name_H-M   'P 32 2 1'
#
loop_
_entity.id
_entity.type
_entity.pdbx_description
1 polymer '1-(5-phosphoribosyl)-5-[(5-phosphoribosylamino)methylideneamino] imidazole-4-carboxamide isomerase'
2 non-polymer '[(2R,3S,4R,5R)-5-[4-AMINOCARBONYL-5-[[(Z)-[(3R,4R)-3,4-DIHYDROXY-2-OXO-5-PHOSPHONOOXY-PENTYL]IMINOMETHYL]AMINO]IMIDAZOL-1-YL]-3,4-DIHYDROXY-OXOLAN-2-YL]METHYL DIHYDROGEN PHOSPHATE'
3 non-polymer 'SODIUM ION'
4 water water
#
_entity_poly.entity_id   1
_entity_poly.type   'polypeptide(L)'
_entity_poly.pdbx_seq_one_letter_code
;MIIPALNLIGGTVVRVVRLHQGDYARLRDYGNDPLPRLQDYAAQGAGVLHLVDLTGAKDPAKRQIPLIKTLVAGVNVPVQ
VGGGVRTEEDVAALLKAGVARVVIASTAVKSPDVVKGWFERFGAQALVLALDVRIDEHGTKQVAVSGWQENSGVSLEQLV
ETYLPVGLKHVLCTDISRDGTLAGSNVSLYEEVCARYPQIAFQSSGGIGDIDDIAALRGTGVRGVIVGRALLEGKFTVKE
AIQCWQNVKGHHHHHH
;
_entity_poly.pdbx_strand_id   A,B,C
#
# COMPACT_ATOMS: atom_id res chain seq x y z
N MET A 1 3.68 -15.96 -7.46
CA MET A 1 4.16 -16.26 -8.80
C MET A 1 5.69 -16.14 -8.95
N ILE A 2 6.23 -16.88 -9.91
CA ILE A 2 7.60 -16.71 -10.37
C ILE A 2 7.68 -15.53 -11.37
N ILE A 3 8.61 -14.62 -11.14
CA ILE A 3 8.76 -13.45 -12.02
C ILE A 3 10.16 -13.41 -12.60
N PRO A 4 10.32 -13.92 -13.84
CA PRO A 4 11.64 -13.86 -14.50
C PRO A 4 12.02 -12.43 -14.84
N ALA A 5 13.31 -12.12 -14.76
CA ALA A 5 13.79 -10.77 -14.92
C ALA A 5 14.93 -10.67 -15.94
N LEU A 6 14.90 -9.62 -16.73
CA LEU A 6 15.96 -9.28 -17.68
C LEU A 6 16.42 -7.85 -17.47
N ASN A 7 17.73 -7.66 -17.55
CA ASN A 7 18.37 -6.35 -17.67
C ASN A 7 18.62 -5.97 -19.11
N LEU A 8 18.24 -4.75 -19.48
CA LEU A 8 18.42 -4.30 -20.85
C LEU A 8 19.30 -3.07 -20.96
N ILE A 9 20.35 -3.17 -21.78
CA ILE A 9 21.15 -2.01 -22.12
C ILE A 9 21.26 -1.92 -23.63
N GLY A 10 20.66 -0.86 -24.18
CA GLY A 10 20.68 -0.63 -25.62
C GLY A 10 20.23 -1.81 -26.46
N GLY A 11 19.26 -2.57 -25.97
CA GLY A 11 18.75 -3.72 -26.70
C GLY A 11 19.41 -5.04 -26.32
N THR A 12 20.47 -4.96 -25.51
CA THR A 12 21.24 -6.15 -25.13
C THR A 12 20.83 -6.65 -23.75
N VAL A 13 20.71 -7.97 -23.61
CA VAL A 13 20.43 -8.58 -22.32
C VAL A 13 21.76 -8.74 -21.61
N VAL A 14 21.91 -8.07 -20.47
CA VAL A 14 23.22 -7.99 -19.83
C VAL A 14 23.21 -8.49 -18.40
N ARG A 15 24.39 -8.91 -17.95
CA ARG A 15 24.64 -9.14 -16.54
C ARG A 15 25.48 -7.99 -16.03
N VAL A 16 25.07 -7.42 -14.91
CA VAL A 16 25.80 -6.31 -14.31
C VAL A 16 26.11 -6.64 -12.87
N VAL A 17 27.06 -5.93 -12.28
CA VAL A 17 27.31 -6.07 -10.86
C VAL A 17 27.13 -4.70 -10.23
N ARG A 18 26.32 -4.64 -9.16
CA ARG A 18 26.05 -3.36 -8.51
C ARG A 18 27.29 -2.84 -7.81
N LEU A 19 27.59 -1.55 -8.00
CA LEU A 19 28.75 -0.92 -7.37
C LEU A 19 28.35 0.08 -6.29
N HIS A 20 29.35 0.75 -5.73
CA HIS A 20 29.19 1.56 -4.52
C HIS A 20 28.17 2.70 -4.65
N GLN A 21 28.38 3.59 -5.62
CA GLN A 21 27.63 4.85 -5.68
C GLN A 21 26.26 4.71 -6.36
N GLY A 22 25.69 3.51 -6.33
CA GLY A 22 24.50 3.22 -7.11
C GLY A 22 24.94 2.91 -8.52
N ASP A 23 26.24 2.99 -8.75
CA ASP A 23 26.84 2.70 -10.03
C ASP A 23 26.85 1.20 -10.27
N TYR A 24 27.30 0.79 -11.46
CA TYR A 24 27.45 -0.63 -11.74
C TYR A 24 28.43 -0.86 -12.88
N ALA A 25 28.77 -2.13 -13.10
CA ALA A 25 29.71 -2.50 -14.14
C ALA A 25 29.13 -3.65 -14.91
N ARG A 26 29.28 -3.63 -16.23
CA ARG A 26 28.75 -4.69 -17.08
C ARG A 26 29.68 -5.89 -17.05
N LEU A 27 29.13 -7.05 -16.68
CA LEU A 27 29.92 -8.28 -16.66
C LEU A 27 29.76 -9.05 -17.96
N ARG A 28 28.59 -9.60 -18.18
CA ARG A 28 28.36 -10.51 -19.30
C ARG A 28 27.26 -10.01 -20.21
N ASP A 29 27.40 -10.28 -21.50
CA ASP A 29 26.31 -10.07 -22.46
C ASP A 29 25.68 -11.42 -22.81
N TYR A 30 24.38 -11.54 -22.58
CA TYR A 30 23.68 -12.79 -22.83
C TYR A 30 23.19 -12.87 -24.27
N GLY A 31 23.07 -11.73 -24.93
CA GLY A 31 22.59 -11.69 -26.29
C GLY A 31 21.74 -10.47 -26.60
N ASN A 32 21.38 -10.34 -27.87
CA ASN A 32 20.51 -9.28 -28.38
C ASN A 32 19.11 -9.81 -28.62
N ASP A 33 18.71 -10.81 -27.85
CA ASP A 33 17.50 -11.56 -28.13
C ASP A 33 16.45 -11.50 -27.02
N PRO A 34 16.10 -10.28 -26.54
CA PRO A 34 15.15 -10.29 -25.42
C PRO A 34 13.78 -10.88 -25.77
N LEU A 35 13.26 -10.67 -26.97
CA LEU A 35 11.90 -11.14 -27.18
C LEU A 35 11.78 -12.67 -27.16
N PRO A 36 12.66 -13.41 -27.87
CA PRO A 36 12.50 -14.87 -27.78
C PRO A 36 12.68 -15.40 -26.37
N ARG A 37 13.54 -14.77 -25.58
CA ARG A 37 13.73 -15.18 -24.19
C ARG A 37 12.45 -14.99 -23.39
N LEU A 38 11.80 -13.83 -23.58
CA LEU A 38 10.56 -13.55 -22.89
C LEU A 38 9.45 -14.48 -23.38
N GLN A 39 9.44 -14.79 -24.67
CA GLN A 39 8.40 -15.67 -25.18
C GLN A 39 8.55 -17.09 -24.61
N ASP A 40 9.79 -17.55 -24.46
CA ASP A 40 10.04 -18.84 -23.87
C ASP A 40 9.61 -18.87 -22.41
N TYR A 41 9.87 -17.77 -21.68
CA TYR A 41 9.45 -17.66 -20.29
C TYR A 41 7.93 -17.75 -20.17
N ALA A 42 7.23 -16.99 -21.02
CA ALA A 42 5.77 -17.00 -21.07
C ALA A 42 5.21 -18.37 -21.44
N ALA A 43 5.81 -19.00 -22.45
CA ALA A 43 5.41 -20.33 -22.91
C ALA A 43 5.44 -21.36 -21.77
N GLN A 44 6.40 -21.22 -20.87
CA GLN A 44 6.56 -22.12 -19.73
C GLN A 44 5.66 -21.76 -18.55
N GLY A 45 4.86 -20.72 -18.73
CA GLY A 45 3.82 -20.40 -17.76
C GLY A 45 4.05 -19.19 -16.88
N ALA A 46 5.17 -18.48 -17.08
CA ALA A 46 5.42 -17.26 -16.33
C ALA A 46 4.23 -16.33 -16.49
N GLY A 47 3.72 -15.81 -15.38
CA GLY A 47 2.51 -15.02 -15.38
C GLY A 47 2.78 -13.52 -15.42
N VAL A 48 4.00 -13.14 -15.06
CA VAL A 48 4.48 -11.75 -15.10
C VAL A 48 5.97 -11.75 -15.47
N LEU A 49 6.38 -10.74 -16.24
CA LEU A 49 7.77 -10.60 -16.66
C LEU A 49 8.30 -9.25 -16.15
N HIS A 50 9.59 -9.20 -15.81
CA HIS A 50 10.20 -8.01 -15.20
C HIS A 50 11.36 -7.54 -16.02
N LEU A 51 11.37 -6.26 -16.35
CA LEU A 51 12.46 -5.68 -17.13
C LEU A 51 13.06 -4.48 -16.45
N VAL A 52 14.39 -4.40 -16.45
CA VAL A 52 15.03 -3.18 -15.97
C VAL A 52 15.75 -2.53 -17.14
N ASP A 53 15.33 -1.31 -17.44
CA ASP A 53 15.86 -0.51 -18.53
C ASP A 53 17.04 0.29 -18.00
N LEU A 54 18.25 -0.25 -18.12
CA LEU A 54 19.40 0.41 -17.52
C LEU A 54 19.88 1.59 -18.38
N THR A 55 19.51 1.57 -19.66
CA THR A 55 19.79 2.69 -20.54
C THR A 55 19.01 3.92 -20.09
N GLY A 56 17.72 3.70 -19.80
CA GLY A 56 16.85 4.76 -19.31
C GLY A 56 17.27 5.22 -17.92
N ALA A 57 17.82 4.29 -17.14
CA ALA A 57 18.33 4.61 -15.81
C ALA A 57 19.47 5.63 -15.88
N LYS A 58 20.41 5.41 -16.80
CA LYS A 58 21.54 6.35 -16.99
C LYS A 58 21.07 7.70 -17.54
N ASP A 59 20.12 7.62 -18.46
CA ASP A 59 19.69 8.80 -19.20
C ASP A 59 18.25 8.62 -19.60
N PRO A 60 17.33 9.31 -18.91
CA PRO A 60 15.89 9.16 -19.14
C PRO A 60 15.51 9.56 -20.56
N ALA A 61 16.32 10.41 -21.17
CA ALA A 61 16.12 10.82 -22.55
C ALA A 61 16.26 9.64 -23.51
N LYS A 62 16.89 8.57 -23.04
CA LYS A 62 17.17 7.42 -23.89
C LYS A 62 16.39 6.18 -23.50
N ARG A 63 15.32 6.38 -22.73
CA ARG A 63 14.45 5.29 -22.33
C ARG A 63 14.08 4.43 -23.54
N GLN A 64 14.16 3.12 -23.39
CA GLN A 64 14.00 2.21 -24.52
C GLN A 64 12.53 1.93 -24.81
N ILE A 65 11.75 2.98 -24.96
CA ILE A 65 10.31 2.84 -25.20
C ILE A 65 10.00 2.03 -26.49
N PRO A 66 10.69 2.32 -27.62
CA PRO A 66 10.35 1.51 -28.81
C PRO A 66 10.60 0.00 -28.60
N LEU A 67 11.69 -0.36 -27.93
CA LEU A 67 11.95 -1.78 -27.65
C LEU A 67 10.91 -2.35 -26.68
N ILE A 68 10.62 -1.60 -25.62
CA ILE A 68 9.63 -2.03 -24.63
C ILE A 68 8.27 -2.27 -25.28
N LYS A 69 7.86 -1.35 -26.15
CA LYS A 69 6.62 -1.50 -26.88
C LYS A 69 6.55 -2.86 -27.61
N THR A 70 7.64 -3.22 -28.28
CA THR A 70 7.71 -4.48 -29.00
CA THR A 70 7.69 -4.48 -29.01
C THR A 70 7.69 -5.69 -28.08
N LEU A 71 8.43 -5.59 -26.97
CA LEU A 71 8.50 -6.70 -26.03
C LEU A 71 7.15 -6.98 -25.38
N VAL A 72 6.43 -5.92 -25.01
CA VAL A 72 5.08 -6.03 -24.46
C VAL A 72 4.11 -6.64 -25.48
N ALA A 73 4.22 -6.22 -26.73
CA ALA A 73 3.31 -6.71 -27.76
C ALA A 73 3.54 -8.19 -28.05
N GLY A 74 4.80 -8.59 -27.98
CA GLY A 74 5.20 -9.94 -28.38
C GLY A 74 4.89 -11.06 -27.39
N VAL A 75 4.32 -10.71 -26.25
CA VAL A 75 3.86 -11.73 -25.28
C VAL A 75 2.45 -11.39 -24.84
N ASN A 76 1.76 -12.35 -24.22
CA ASN A 76 0.43 -12.06 -23.70
C ASN A 76 0.37 -12.23 -22.17
N VAL A 77 1.49 -11.89 -21.52
CA VAL A 77 1.55 -11.80 -20.07
C VAL A 77 2.01 -10.39 -19.68
N PRO A 78 1.51 -9.88 -18.54
CA PRO A 78 1.89 -8.52 -18.15
C PRO A 78 3.39 -8.36 -17.89
N VAL A 79 3.92 -7.21 -18.27
CA VAL A 79 5.32 -6.87 -18.08
C VAL A 79 5.42 -5.69 -17.13
N GLN A 80 6.25 -5.78 -16.09
CA GLN A 80 6.54 -4.60 -15.30
C GLN A 80 7.94 -4.11 -15.66
N VAL A 81 8.11 -2.79 -15.66
CA VAL A 81 9.34 -2.17 -16.13
C VAL A 81 9.81 -1.08 -15.18
N GLY A 82 11.09 -1.10 -14.84
CA GLY A 82 11.69 -0.01 -14.10
C GLY A 82 12.93 0.48 -14.81
N GLY A 83 13.47 1.61 -14.35
CA GLY A 83 14.75 2.09 -14.84
C GLY A 83 14.73 3.59 -15.07
N GLY A 84 15.16 4.34 -14.05
CA GLY A 84 15.25 5.78 -14.17
C GLY A 84 13.92 6.48 -14.39
N VAL A 85 12.83 5.92 -13.86
CA VAL A 85 11.55 6.63 -13.91
C VAL A 85 11.58 7.80 -12.95
N ARG A 86 11.49 9.00 -13.52
CA ARG A 86 11.72 10.25 -12.78
C ARG A 86 10.52 11.19 -12.77
N THR A 87 9.66 11.10 -13.78
CA THR A 87 8.55 12.03 -13.89
C THR A 87 7.25 11.29 -14.17
N GLU A 88 6.15 12.01 -13.92
CA GLU A 88 4.81 11.60 -14.26
C GLU A 88 4.71 11.24 -15.75
N GLU A 89 5.42 11.99 -16.58
CA GLU A 89 5.43 11.75 -18.02
C GLU A 89 6.09 10.41 -18.36
N ASP A 90 7.14 10.05 -17.63
CA ASP A 90 7.83 8.77 -17.81
C ASP A 90 6.88 7.61 -17.53
N VAL A 91 6.16 7.70 -16.40
CA VAL A 91 5.19 6.67 -16.04
C VAL A 91 4.16 6.52 -17.16
N ALA A 92 3.61 7.66 -17.58
CA ALA A 92 2.57 7.64 -18.62
C ALA A 92 3.07 7.02 -19.93
N ALA A 93 4.32 7.32 -20.28
CA ALA A 93 4.90 6.82 -21.53
C ALA A 93 5.01 5.30 -21.48
N LEU A 94 5.40 4.77 -20.33
CA LEU A 94 5.54 3.33 -20.16
C LEU A 94 4.17 2.64 -20.22
N LEU A 95 3.16 3.23 -19.57
CA LEU A 95 1.82 2.65 -19.60
C LEU A 95 1.24 2.71 -21.00
N LYS A 96 1.49 3.81 -21.69
CA LYS A 96 1.06 3.97 -23.08
C LYS A 96 1.75 2.92 -23.98
N ALA A 97 2.98 2.55 -23.64
CA ALA A 97 3.69 1.52 -24.42
C ALA A 97 3.17 0.13 -24.13
N GLY A 98 2.32 0.00 -23.11
CA GLY A 98 1.68 -1.27 -22.82
C GLY A 98 2.22 -1.98 -21.57
N VAL A 99 3.07 -1.31 -20.80
CA VAL A 99 3.53 -1.86 -19.53
C VAL A 99 2.39 -2.00 -18.51
N ALA A 100 2.37 -3.08 -17.74
CA ALA A 100 1.35 -3.27 -16.72
C ALA A 100 1.64 -2.50 -15.42
N ARG A 101 2.90 -2.51 -15.00
CA ARG A 101 3.27 -1.81 -13.78
C ARG A 101 4.60 -1.13 -13.94
N VAL A 102 4.72 0.06 -13.37
CA VAL A 102 5.95 0.84 -13.46
C VAL A 102 6.68 0.80 -12.11
N VAL A 103 7.95 0.40 -12.17
CA VAL A 103 8.76 0.13 -10.98
C VAL A 103 9.70 1.30 -10.73
N ILE A 104 9.67 1.82 -9.49
CA ILE A 104 10.35 3.06 -9.15
C ILE A 104 11.06 2.93 -7.81
N ALA A 105 12.38 3.13 -7.79
CA ALA A 105 13.14 3.14 -6.55
C ALA A 105 13.65 4.56 -6.24
N SER A 106 14.60 5.05 -7.05
CA SER A 106 15.32 6.30 -6.75
C SER A 106 14.42 7.51 -6.49
N THR A 107 13.53 7.78 -7.43
CA THR A 107 12.68 8.96 -7.31
C THR A 107 11.72 8.83 -6.13
N ALA A 108 11.34 7.59 -5.82
CA ALA A 108 10.40 7.34 -4.72
C ALA A 108 11.02 7.61 -3.36
N VAL A 109 12.31 7.36 -3.21
CA VAL A 109 12.92 7.62 -1.90
C VAL A 109 13.39 9.09 -1.83
N LYS A 110 13.77 9.65 -2.97
CA LYS A 110 14.23 11.04 -3.03
C LYS A 110 13.12 12.08 -2.97
N SER A 111 12.03 11.82 -3.70
CA SER A 111 10.98 12.83 -3.90
C SER A 111 9.58 12.28 -3.63
N PRO A 112 9.29 11.99 -2.36
CA PRO A 112 8.01 11.35 -2.03
C PRO A 112 6.83 12.25 -2.37
N ASP A 113 6.99 13.55 -2.18
CA ASP A 113 5.93 14.50 -2.53
C ASP A 113 5.51 14.35 -4.00
N VAL A 114 6.49 14.19 -4.88
CA VAL A 114 6.22 14.02 -6.31
C VAL A 114 5.53 12.68 -6.61
N VAL A 115 6.08 11.60 -6.07
CA VAL A 115 5.61 10.27 -6.41
C VAL A 115 4.24 9.98 -5.82
N LYS A 116 3.93 10.58 -4.67
CA LYS A 116 2.57 10.53 -4.14
C LYS A 116 1.55 11.01 -5.17
N GLY A 117 1.91 12.08 -5.89
CA GLY A 117 1.07 12.60 -6.95
C GLY A 117 0.81 11.57 -8.03
N TRP A 118 1.80 10.72 -8.29
CA TRP A 118 1.64 9.69 -9.32
C TRP A 118 0.60 8.66 -8.86
N PHE A 119 0.62 8.33 -7.57
CA PHE A 119 -0.36 7.38 -7.07
C PHE A 119 -1.77 7.89 -7.30
N GLU A 120 -1.94 9.19 -7.14
CA GLU A 120 -3.26 9.79 -7.25
C GLU A 120 -3.70 9.90 -8.71
N ARG A 121 -2.76 10.04 -9.63
CA ARG A 121 -3.10 10.07 -11.06
C ARG A 121 -3.32 8.67 -11.64
N PHE A 122 -2.36 7.77 -11.45
CA PHE A 122 -2.36 6.48 -12.12
C PHE A 122 -3.03 5.35 -11.34
N GLY A 123 -3.18 5.52 -10.03
CA GLY A 123 -3.75 4.46 -9.21
C GLY A 123 -2.66 3.56 -8.67
N ALA A 124 -2.96 2.85 -7.59
CA ALA A 124 -1.93 2.10 -6.88
C ALA A 124 -1.52 0.83 -7.62
N GLN A 125 -2.38 0.31 -8.50
CA GLN A 125 -2.07 -0.97 -9.10
C GLN A 125 -1.04 -0.82 -10.24
N ALA A 126 -0.88 0.41 -10.72
CA ALA A 126 0.06 0.68 -11.82
C ALA A 126 1.50 0.89 -11.36
N LEU A 127 1.70 1.04 -10.05
CA LEU A 127 3.01 1.46 -9.53
C LEU A 127 3.58 0.45 -8.53
N VAL A 128 4.87 0.13 -8.70
CA VAL A 128 5.58 -0.74 -7.77
C VAL A 128 6.65 0.09 -7.07
N LEU A 129 6.56 0.14 -5.74
CA LEU A 129 7.58 0.82 -4.95
C LEU A 129 8.74 -0.14 -4.83
N ALA A 130 9.87 0.25 -5.39
CA ALA A 130 11.05 -0.59 -5.37
C ALA A 130 11.97 -0.11 -4.26
N LEU A 131 12.39 -1.03 -3.42
CA LEU A 131 13.24 -0.68 -2.28
C LEU A 131 14.58 -1.39 -2.41
N ASP A 132 15.64 -0.62 -2.54
CA ASP A 132 16.98 -1.17 -2.63
C ASP A 132 17.54 -1.27 -1.22
N VAL A 133 17.30 -2.40 -0.57
CA VAL A 133 17.61 -2.52 0.85
C VAL A 133 19.07 -2.90 1.14
N ARG A 134 19.68 -2.12 2.03
CA ARG A 134 20.97 -2.45 2.63
C ARG A 134 20.77 -2.54 4.13
N ILE A 135 21.09 -3.69 4.73
CA ILE A 135 21.01 -3.81 6.18
C ILE A 135 22.31 -3.27 6.79
N ASP A 136 22.23 -2.23 7.62
CA ASP A 136 23.48 -1.73 8.23
C ASP A 136 23.83 -2.49 9.50
N GLU A 137 24.93 -2.11 10.14
CA GLU A 137 25.43 -2.83 11.31
C GLU A 137 24.44 -2.83 12.48
N HIS A 138 23.53 -1.87 12.48
CA HIS A 138 22.56 -1.73 13.55
C HIS A 138 21.26 -2.49 13.28
N GLY A 139 21.17 -3.10 12.10
CA GLY A 139 19.98 -3.84 11.73
C GLY A 139 18.95 -3.01 10.99
N THR A 140 19.25 -1.73 10.78
CA THR A 140 18.30 -0.88 10.06
C THR A 140 18.22 -1.25 8.59
N LYS A 141 17.01 -1.35 8.08
CA LYS A 141 16.80 -1.60 6.67
C LYS A 141 16.95 -0.30 5.86
N GLN A 142 18.18 0.06 5.49
CA GLN A 142 18.40 1.35 4.82
C GLN A 142 17.98 1.30 3.35
N VAL A 143 17.24 2.28 2.86
CA VAL A 143 16.82 2.28 1.46
C VAL A 143 17.18 3.52 0.66
N ALA A 144 17.96 4.42 1.26
CA ALA A 144 18.37 5.63 0.54
C ALA A 144 19.31 5.27 -0.59
N VAL A 145 19.24 6.01 -1.69
CA VAL A 145 20.10 5.75 -2.84
C VAL A 145 21.09 6.88 -3.06
N SER A 152 20.15 12.36 4.68
CA SER A 152 20.20 11.42 5.79
C SER A 152 19.37 10.18 5.47
N GLY A 153 19.59 9.11 6.23
CA GLY A 153 19.01 7.82 5.96
C GLY A 153 17.49 7.74 5.94
N VAL A 154 16.98 6.75 5.20
CA VAL A 154 15.57 6.42 5.13
C VAL A 154 15.43 4.92 5.32
N SER A 155 14.59 4.47 6.24
CA SER A 155 14.40 3.04 6.43
C SER A 155 13.30 2.51 5.52
N LEU A 156 13.31 1.19 5.29
CA LEU A 156 12.23 0.54 4.55
C LEU A 156 10.86 0.89 5.15
N GLU A 157 10.77 0.81 6.47
CA GLU A 157 9.52 1.04 7.16
C GLU A 157 9.06 2.48 7.00
N GLN A 158 10.00 3.41 7.10
CA GLN A 158 9.69 4.82 6.93
C GLN A 158 9.11 5.08 5.54
N LEU A 159 9.69 4.46 4.52
CA LEU A 159 9.23 4.74 3.16
C LEU A 159 7.92 4.03 2.87
N VAL A 160 7.74 2.82 3.39
CA VAL A 160 6.47 2.13 3.20
C VAL A 160 5.37 2.97 3.85
N GLU A 161 5.62 3.46 5.06
CA GLU A 161 4.65 4.28 5.78
C GLU A 161 4.38 5.58 5.05
N THR A 162 5.38 6.10 4.36
CA THR A 162 5.20 7.32 3.56
C THR A 162 4.10 7.16 2.49
N TYR A 163 4.05 5.99 1.87
CA TYR A 163 3.13 5.78 0.73
C TYR A 163 1.83 5.04 1.06
N LEU A 164 1.73 4.43 2.23
CA LEU A 164 0.47 3.79 2.64
C LEU A 164 -0.74 4.75 2.54
N PRO A 165 -0.57 6.04 2.92
CA PRO A 165 -1.73 6.92 2.80
C PRO A 165 -2.22 7.20 1.38
N VAL A 166 -1.42 6.92 0.36
CA VAL A 166 -1.89 7.09 -1.02
C VAL A 166 -2.14 5.72 -1.65
N GLY A 167 -2.24 4.69 -0.82
CA GLY A 167 -2.77 3.41 -1.27
C GLY A 167 -1.77 2.39 -1.75
N LEU A 168 -0.51 2.55 -1.34
CA LEU A 168 0.56 1.61 -1.71
C LEU A 168 0.13 0.15 -1.61
N LYS A 169 0.33 -0.63 -2.68
CA LYS A 169 -0.07 -2.06 -2.66
C LYS A 169 1.02 -3.00 -3.11
N HIS A 170 1.97 -2.51 -3.91
CA HIS A 170 3.01 -3.35 -4.48
C HIS A 170 4.39 -2.84 -4.14
N VAL A 171 5.21 -3.70 -3.54
CA VAL A 171 6.59 -3.34 -3.19
C VAL A 171 7.55 -4.40 -3.70
N LEU A 172 8.58 -3.95 -4.39
CA LEU A 172 9.64 -4.84 -4.83
C LEU A 172 10.79 -4.62 -3.84
N CYS A 173 11.04 -5.62 -3.02
CA CYS A 173 12.01 -5.47 -1.93
C CYS A 173 13.29 -6.23 -2.27
N THR A 174 14.31 -5.51 -2.71
CA THR A 174 15.57 -6.14 -3.15
C THR A 174 16.62 -6.08 -2.04
N ASP A 175 17.20 -7.22 -1.69
CA ASP A 175 18.38 -7.20 -0.84
C ASP A 175 19.55 -7.07 -1.77
N ILE A 176 20.05 -5.85 -1.94
CA ILE A 176 20.96 -5.61 -3.06
C ILE A 176 22.30 -6.31 -2.89
N SER A 177 22.67 -6.69 -1.68
CA SER A 177 23.90 -7.44 -1.48
C SER A 177 23.78 -8.87 -2.02
N ARG A 178 22.55 -9.32 -2.26
CA ARG A 178 22.31 -10.69 -2.70
C ARG A 178 22.20 -10.82 -4.22
N ASP A 179 21.97 -9.68 -4.87
CA ASP A 179 21.84 -9.62 -6.33
CA ASP A 179 21.85 -9.61 -6.33
C ASP A 179 22.96 -10.39 -7.02
N GLY A 180 22.58 -11.40 -7.81
CA GLY A 180 23.53 -12.19 -8.59
C GLY A 180 24.47 -13.13 -7.86
N THR A 181 24.25 -13.36 -6.57
CA THR A 181 25.18 -14.20 -5.80
C THR A 181 24.88 -15.69 -5.89
N LEU A 182 23.66 -16.03 -6.31
CA LEU A 182 23.19 -17.42 -6.34
C LEU A 182 23.21 -18.08 -4.94
N ALA A 183 23.22 -17.28 -3.89
CA ALA A 183 23.40 -17.80 -2.54
C ALA A 183 22.08 -17.99 -1.80
N GLY A 184 20.99 -17.60 -2.45
CA GLY A 184 19.68 -17.61 -1.81
C GLY A 184 19.18 -16.20 -1.51
N SER A 185 17.87 -16.01 -1.54
CA SER A 185 17.29 -14.72 -1.19
C SER A 185 17.20 -14.58 0.33
N ASN A 186 16.94 -13.36 0.80
CA ASN A 186 16.93 -13.09 2.23
C ASN A 186 15.59 -13.47 2.86
N VAL A 187 15.42 -14.77 3.12
CA VAL A 187 14.16 -15.30 3.64
C VAL A 187 13.63 -14.58 4.89
N SER A 188 14.49 -14.33 5.88
CA SER A 188 14.03 -13.75 7.12
C SER A 188 13.52 -12.31 6.93
N LEU A 189 14.17 -11.56 6.05
CA LEU A 189 13.74 -10.21 5.75
C LEU A 189 12.31 -10.22 5.20
N TYR A 190 12.03 -11.15 4.28
CA TYR A 190 10.71 -11.19 3.66
C TYR A 190 9.68 -11.69 4.65
N GLU A 191 10.06 -12.68 5.46
CA GLU A 191 9.16 -13.14 6.52
C GLU A 191 8.75 -11.94 7.37
N GLU A 192 9.71 -11.08 7.71
CA GLU A 192 9.41 -9.96 8.59
C GLU A 192 8.54 -8.89 7.94
N VAL A 193 8.92 -8.43 6.75
CA VAL A 193 8.20 -7.30 6.15
C VAL A 193 6.81 -7.73 5.66
N CYS A 194 6.67 -8.97 5.17
CA CYS A 194 5.35 -9.43 4.71
C CYS A 194 4.36 -9.47 5.86
N ALA A 195 4.84 -9.89 7.03
CA ALA A 195 3.98 -9.99 8.21
C ALA A 195 3.67 -8.60 8.76
N ARG A 196 4.59 -7.67 8.57
CA ARG A 196 4.42 -6.34 9.13
C ARG A 196 3.38 -5.56 8.34
N TYR A 197 3.33 -5.82 7.03
CA TYR A 197 2.40 -5.15 6.11
C TYR A 197 1.61 -6.17 5.28
N PRO A 198 0.65 -6.84 5.92
CA PRO A 198 -0.07 -7.93 5.24
C PRO A 198 -0.95 -7.42 4.10
N GLN A 199 -1.20 -6.12 4.04
CA GLN A 199 -2.04 -5.56 2.98
C GLN A 199 -1.20 -5.32 1.72
N ILE A 200 0.11 -5.43 1.85
CA ILE A 200 1.02 -5.18 0.74
C ILE A 200 1.40 -6.50 0.06
N ALA A 201 1.55 -6.47 -1.27
CA ALA A 201 2.09 -7.62 -1.98
C ALA A 201 3.57 -7.39 -2.22
N PHE A 202 4.42 -8.11 -1.50
CA PHE A 202 5.87 -7.96 -1.68
C PHE A 202 6.40 -8.88 -2.75
N GLN A 203 7.34 -8.35 -3.53
CA GLN A 203 8.10 -9.18 -4.46
C GLN A 203 9.50 -9.28 -3.91
N SER A 204 10.02 -10.50 -3.85
CA SER A 204 11.39 -10.70 -3.37
C SER A 204 12.30 -10.57 -4.58
N SER A 205 13.54 -10.16 -4.37
CA SER A 205 14.46 -10.07 -5.48
C SER A 205 15.90 -10.08 -4.98
N GLY A 206 16.74 -10.83 -5.68
CA GLY A 206 18.16 -10.89 -5.40
C GLY A 206 18.56 -12.19 -4.72
N GLY A 207 19.39 -13.00 -5.39
CA GLY A 207 20.03 -14.12 -4.73
C GLY A 207 19.59 -15.53 -5.06
N ILE A 208 18.42 -15.70 -5.69
CA ILE A 208 17.93 -17.06 -6.00
C ILE A 208 19.03 -17.82 -6.72
N GLY A 209 19.34 -19.02 -6.23
CA GLY A 209 20.42 -19.80 -6.80
C GLY A 209 20.03 -21.16 -7.32
N ASP A 210 19.10 -21.84 -6.64
CA ASP A 210 18.64 -23.16 -7.07
C ASP A 210 17.20 -23.35 -6.66
N ILE A 211 16.62 -24.51 -7.01
CA ILE A 211 15.19 -24.73 -6.78
C ILE A 211 14.83 -24.69 -5.28
N ASP A 212 15.78 -25.09 -4.44
CA ASP A 212 15.56 -25.07 -2.99
C ASP A 212 15.31 -23.66 -2.49
N ASP A 213 15.91 -22.67 -3.14
CA ASP A 213 15.74 -21.28 -2.72
C ASP A 213 14.32 -20.77 -3.01
N ILE A 214 13.72 -21.25 -4.10
CA ILE A 214 12.32 -20.97 -4.39
C ILE A 214 11.44 -21.58 -3.30
N ALA A 215 11.67 -22.85 -3.01
CA ALA A 215 10.91 -23.58 -2.00
C ALA A 215 10.98 -22.86 -0.65
N ALA A 216 12.14 -22.30 -0.36
CA ALA A 216 12.37 -21.66 0.93
C ALA A 216 11.58 -20.36 1.11
N LEU A 217 11.10 -19.79 0.01
CA LEU A 217 10.31 -18.56 0.10
C LEU A 217 8.82 -18.85 0.18
N ARG A 218 8.43 -20.09 -0.11
N ARG A 218 8.43 -20.10 -0.08
CA ARG A 218 7.02 -20.47 -0.25
CA ARG A 218 7.04 -20.52 0.11
C ARG A 218 6.11 -19.97 0.88
C ARG A 218 6.60 -20.30 1.55
N GLY A 219 6.44 -20.34 2.11
N GLY A 219 5.41 -19.72 1.72
CA GLY A 219 5.63 -19.94 3.25
CA GLY A 219 4.85 -19.53 3.04
C GLY A 219 6.14 -18.70 3.95
C GLY A 219 5.42 -18.35 3.82
N THR A 220 6.35 -17.62 3.21
CA THR A 220 6.88 -16.39 3.81
C THR A 220 5.90 -15.23 3.67
N GLY A 221 5.01 -15.33 2.69
CA GLY A 221 4.04 -14.27 2.45
C GLY A 221 4.35 -13.52 1.17
N VAL A 222 5.53 -13.79 0.61
CA VAL A 222 5.96 -13.17 -0.63
C VAL A 222 4.97 -13.52 -1.73
N ARG A 223 4.53 -12.53 -2.49
CA ARG A 223 3.55 -12.74 -3.54
C ARG A 223 4.20 -13.02 -4.90
N GLY A 224 5.41 -12.53 -5.08
CA GLY A 224 6.11 -12.70 -6.34
C GLY A 224 7.60 -12.91 -6.10
N VAL A 225 8.18 -13.89 -6.77
CA VAL A 225 9.60 -14.18 -6.63
C VAL A 225 10.35 -13.80 -7.89
N ILE A 226 11.13 -12.72 -7.82
CA ILE A 226 11.94 -12.32 -8.96
C ILE A 226 13.18 -13.19 -9.06
N VAL A 227 13.39 -13.72 -10.25
CA VAL A 227 14.52 -14.60 -10.54
C VAL A 227 15.25 -14.07 -11.76
N GLY A 228 16.52 -13.71 -11.61
CA GLY A 228 17.29 -13.25 -12.76
C GLY A 228 18.36 -14.22 -13.23
N ARG A 229 19.50 -14.19 -12.54
CA ARG A 229 20.68 -14.92 -12.97
C ARG A 229 20.48 -16.41 -13.11
N ALA A 230 19.77 -17.02 -12.16
CA ALA A 230 19.62 -18.49 -12.15
C ALA A 230 18.94 -18.99 -13.41
N LEU A 231 17.93 -18.24 -13.88
CA LEU A 231 17.26 -18.59 -15.13
C LEU A 231 18.16 -18.37 -16.34
N LEU A 232 18.91 -17.27 -16.34
CA LEU A 232 19.75 -16.95 -17.47
C LEU A 232 20.88 -17.95 -17.64
N GLU A 233 21.37 -18.49 -16.53
CA GLU A 233 22.50 -19.40 -16.60
C GLU A 233 22.06 -20.86 -16.46
N GLY A 234 20.75 -21.07 -16.55
CA GLY A 234 20.20 -22.41 -16.68
C GLY A 234 20.34 -23.30 -15.45
N LYS A 235 20.30 -22.69 -14.27
CA LYS A 235 20.33 -23.46 -13.02
C LYS A 235 19.06 -24.28 -12.92
N PHE A 236 17.97 -23.74 -13.45
CA PHE A 236 16.70 -24.45 -13.56
C PHE A 236 15.85 -23.74 -14.61
N THR A 237 14.74 -24.36 -15.00
CA THR A 237 13.83 -23.76 -15.96
C THR A 237 12.70 -23.02 -15.25
N VAL A 238 11.99 -22.17 -15.99
CA VAL A 238 10.82 -21.49 -15.45
C VAL A 238 9.76 -22.51 -15.05
N LYS A 239 9.57 -23.52 -15.90
CA LYS A 239 8.59 -24.57 -15.65
C LYS A 239 8.76 -25.20 -14.27
N GLU A 240 9.99 -25.56 -13.92
CA GLU A 240 10.18 -26.24 -12.64
C GLU A 240 10.16 -25.25 -11.48
N ALA A 241 10.61 -24.02 -11.73
CA ALA A 241 10.50 -22.98 -10.71
C ALA A 241 9.04 -22.80 -10.32
N ILE A 242 8.17 -22.73 -11.32
CA ILE A 242 6.74 -22.58 -11.10
C ILE A 242 6.15 -23.77 -10.31
N GLN A 243 6.55 -24.98 -10.66
CA GLN A 243 5.93 -26.16 -10.06
C GLN A 243 6.40 -26.33 -8.62
N CYS A 244 7.60 -25.83 -8.34
CA CYS A 244 8.08 -25.77 -6.97
C CYS A 244 7.33 -24.70 -6.19
N TRP A 245 7.28 -23.51 -6.76
CA TRP A 245 6.62 -22.38 -6.13
C TRP A 245 5.14 -22.62 -5.86
N GLN A 246 4.47 -23.33 -6.78
CA GLN A 246 3.03 -23.55 -6.66
C GLN A 246 2.68 -24.78 -5.83
N ASN A 247 3.70 -25.47 -5.32
CA ASN A 247 3.48 -26.57 -4.38
C ASN A 247 3.90 -26.19 -2.96
N MET B 1 -3.80 -18.52 -14.65
CA MET B 1 -4.29 -18.38 -13.29
C MET B 1 -5.74 -18.80 -13.12
N ILE B 2 -6.07 -19.24 -11.92
CA ILE B 2 -7.45 -19.35 -11.45
C ILE B 2 -7.93 -17.97 -10.97
N ILE B 3 -9.10 -17.54 -11.45
CA ILE B 3 -9.66 -16.23 -11.08
C ILE B 3 -11.03 -16.40 -10.44
N PRO B 4 -11.09 -16.44 -9.11
CA PRO B 4 -12.38 -16.56 -8.43
C PRO B 4 -13.22 -15.30 -8.61
N ALA B 5 -14.54 -15.47 -8.66
CA ALA B 5 -15.42 -14.35 -8.99
C ALA B 5 -16.57 -14.25 -8.01
N LEU B 6 -16.94 -13.00 -7.69
CA LEU B 6 -18.12 -12.73 -6.90
C LEU B 6 -19.03 -11.74 -7.64
N ASN B 7 -20.32 -12.00 -7.54
CA ASN B 7 -21.38 -11.13 -8.03
C ASN B 7 -21.91 -10.33 -6.85
N LEU B 8 -21.91 -9.00 -6.97
CA LEU B 8 -22.30 -8.14 -5.86
C LEU B 8 -23.50 -7.27 -6.17
N ILE B 9 -24.50 -7.33 -5.29
CA ILE B 9 -25.62 -6.40 -5.33
C ILE B 9 -25.81 -5.78 -3.95
N GLY B 10 -25.51 -4.48 -3.84
CA GLY B 10 -25.69 -3.76 -2.59
C GLY B 10 -25.03 -4.41 -1.38
N GLY B 11 -23.81 -4.91 -1.56
CA GLY B 11 -23.06 -5.50 -0.46
C GLY B 11 -23.26 -7.00 -0.28
N THR B 12 -24.22 -7.54 -1.03
CA THR B 12 -24.58 -8.94 -0.92
C THR B 12 -23.94 -9.77 -2.02
N VAL B 13 -23.37 -10.91 -1.65
CA VAL B 13 -22.86 -11.85 -2.64
C VAL B 13 -24.04 -12.66 -3.19
N VAL B 14 -24.27 -12.60 -4.49
CA VAL B 14 -25.51 -13.13 -5.04
C VAL B 14 -25.33 -14.19 -6.13
N ARG B 15 -26.36 -15.01 -6.30
CA ARG B 15 -26.46 -15.90 -7.45
C ARG B 15 -27.61 -15.42 -8.30
N VAL B 16 -27.35 -15.21 -9.59
CA VAL B 16 -28.40 -14.79 -10.51
C VAL B 16 -28.44 -15.70 -11.71
N VAL B 17 -29.55 -15.68 -12.44
CA VAL B 17 -29.60 -16.40 -13.70
C VAL B 17 -29.94 -15.39 -14.79
N ARG B 18 -29.10 -15.36 -15.82
CA ARG B 18 -29.34 -14.47 -16.96
C ARG B 18 -30.54 -14.97 -17.74
N LEU B 19 -31.35 -14.04 -18.25
CA LEU B 19 -32.56 -14.42 -18.96
C LEU B 19 -32.52 -14.03 -20.43
N GLY B 22 -32.10 -9.91 -22.28
CA GLY B 22 -30.79 -9.62 -21.71
C GLY B 22 -30.84 -9.20 -20.26
N ASP B 23 -31.86 -9.68 -19.55
CA ASP B 23 -32.04 -9.38 -18.12
C ASP B 23 -31.42 -10.47 -17.23
N TYR B 24 -31.74 -10.41 -15.95
CA TYR B 24 -31.38 -11.51 -15.04
C TYR B 24 -32.40 -11.65 -13.91
N ALA B 25 -32.42 -12.82 -13.29
CA ALA B 25 -33.29 -13.06 -12.15
C ALA B 25 -32.45 -13.43 -10.95
N ARG B 26 -32.83 -12.91 -9.78
CA ARG B 26 -32.04 -13.11 -8.58
C ARG B 26 -32.49 -14.36 -7.83
N LEU B 27 -31.57 -15.29 -7.65
CA LEU B 27 -31.85 -16.49 -6.88
C LEU B 27 -31.35 -16.24 -5.44
N ARG B 28 -30.79 -17.26 -4.79
CA ARG B 28 -30.45 -17.13 -3.39
C ARG B 28 -29.23 -16.22 -3.14
N ASP B 29 -29.20 -15.58 -1.98
CA ASP B 29 -28.02 -14.88 -1.51
C ASP B 29 -27.04 -15.85 -0.87
N TYR B 30 -25.76 -15.71 -1.18
CA TYR B 30 -24.73 -16.49 -0.50
C TYR B 30 -24.39 -15.88 0.85
N GLY B 31 -24.50 -14.55 0.93
CA GLY B 31 -24.28 -13.86 2.18
C GLY B 31 -23.91 -12.41 2.00
N ASN B 32 -23.72 -11.70 3.11
CA ASN B 32 -23.31 -10.30 3.08
C ASN B 32 -21.85 -10.10 3.46
N ASP B 33 -21.02 -11.07 3.09
CA ASP B 33 -19.64 -11.11 3.58
C ASP B 33 -18.60 -11.25 2.47
N PRO B 34 -18.59 -10.32 1.50
CA PRO B 34 -17.61 -10.47 0.42
C PRO B 34 -16.15 -10.44 0.91
N LEU B 35 -15.84 -9.59 1.89
CA LEU B 35 -14.44 -9.44 2.28
C LEU B 35 -13.84 -10.75 2.86
N PRO B 36 -14.48 -11.40 3.85
CA PRO B 36 -13.89 -12.67 4.31
CA PRO B 36 -13.86 -12.66 4.30
C PRO B 36 -13.79 -13.70 3.20
N ARG B 37 -14.74 -13.66 2.27
CA ARG B 37 -14.71 -14.63 1.16
C ARG B 37 -13.50 -14.38 0.28
N LEU B 38 -13.25 -13.12 -0.07
CA LEU B 38 -12.09 -12.78 -0.89
C LEU B 38 -10.78 -13.08 -0.15
N GLN B 39 -10.78 -12.83 1.14
CA GLN B 39 -9.58 -13.07 1.95
C GLN B 39 -9.25 -14.57 1.98
N ASP B 40 -10.29 -15.40 2.05
CA ASP B 40 -10.05 -16.84 2.04
C ASP B 40 -9.51 -17.29 0.69
N TYR B 41 -10.14 -16.81 -0.39
CA TYR B 41 -9.66 -17.09 -1.73
C TYR B 41 -8.18 -16.70 -1.86
N ALA B 42 -7.84 -15.50 -1.42
CA ALA B 42 -6.47 -15.02 -1.48
C ALA B 42 -5.54 -15.87 -0.60
N ALA B 43 -6.01 -16.28 0.55
CA ALA B 43 -5.17 -17.09 1.46
C ALA B 43 -4.89 -18.46 0.85
N GLN B 44 -5.80 -18.96 0.02
CA GLN B 44 -5.64 -20.25 -0.65
C GLN B 44 -4.78 -20.16 -1.90
N GLY B 45 -4.35 -18.94 -2.25
CA GLY B 45 -3.35 -18.77 -3.29
C GLY B 45 -3.83 -18.02 -4.52
N ALA B 46 -5.09 -17.60 -4.52
CA ALA B 46 -5.65 -16.90 -5.69
C ALA B 46 -4.82 -15.66 -6.02
N GLY B 47 -4.44 -15.53 -7.28
CA GLY B 47 -3.53 -14.48 -7.72
C GLY B 47 -4.22 -13.24 -8.24
N VAL B 48 -5.51 -13.37 -8.56
CA VAL B 48 -6.32 -12.25 -8.95
CA VAL B 48 -6.35 -12.28 -9.05
C VAL B 48 -7.77 -12.57 -8.62
N LEU B 49 -8.57 -11.54 -8.36
CA LEU B 49 -9.97 -11.69 -7.96
C LEU B 49 -10.83 -10.87 -8.92
N HIS B 50 -12.02 -11.40 -9.24
CA HIS B 50 -12.95 -10.77 -10.19
C HIS B 50 -14.28 -10.41 -9.52
N LEU B 51 -14.71 -9.16 -9.69
CA LEU B 51 -15.97 -8.72 -9.09
C LEU B 51 -16.88 -8.16 -10.16
N VAL B 52 -18.16 -8.48 -10.09
CA VAL B 52 -19.13 -7.78 -10.92
C VAL B 52 -20.06 -6.98 -10.01
N ASP B 53 -20.09 -5.68 -10.23
CA ASP B 53 -20.92 -4.76 -9.46
C ASP B 53 -22.24 -4.60 -10.20
N LEU B 54 -23.23 -5.40 -9.84
CA LEU B 54 -24.50 -5.38 -10.56
C LEU B 54 -25.33 -4.16 -10.13
N THR B 55 -25.02 -3.62 -8.95
CA THR B 55 -25.67 -2.40 -8.50
C THR B 55 -25.26 -1.25 -9.43
N GLY B 56 -23.96 -1.15 -9.70
CA GLY B 56 -23.43 -0.16 -10.62
C GLY B 56 -23.94 -0.39 -12.04
N ALA B 57 -24.06 -1.65 -12.43
CA ALA B 57 -24.54 -1.99 -13.76
C ALA B 57 -25.97 -1.49 -13.97
N LYS B 58 -26.76 -1.54 -12.91
CA LYS B 58 -28.13 -1.06 -12.94
C LYS B 58 -28.18 0.47 -12.93
N ASP B 59 -27.26 1.08 -12.20
CA ASP B 59 -27.22 2.54 -12.07
C ASP B 59 -25.81 3.00 -11.70
N PRO B 60 -25.02 3.40 -12.71
CA PRO B 60 -23.61 3.78 -12.52
C PRO B 60 -23.38 4.80 -11.40
N ALA B 61 -24.38 5.64 -11.14
CA ALA B 61 -24.27 6.62 -10.05
C ALA B 61 -24.26 5.94 -8.68
N LYS B 62 -24.71 4.69 -8.63
CA LYS B 62 -24.76 3.92 -7.39
C LYS B 62 -23.65 2.87 -7.33
N ARG B 63 -22.61 3.09 -8.13
CA ARG B 63 -21.45 2.21 -8.16
C ARG B 63 -20.92 2.01 -6.74
N GLN B 64 -20.64 0.76 -6.38
CA GLN B 64 -20.29 0.44 -5.00
C GLN B 64 -18.83 0.72 -4.70
N ILE B 65 -18.43 1.97 -4.91
CA ILE B 65 -17.05 2.38 -4.70
C ILE B 65 -16.58 2.25 -3.23
N PRO B 66 -17.40 2.69 -2.25
CA PRO B 66 -16.93 2.47 -0.88
C PRO B 66 -16.64 1.01 -0.59
N LEU B 67 -17.53 0.11 -1.02
CA LEU B 67 -17.32 -1.31 -0.80
C LEU B 67 -16.09 -1.83 -1.52
N ILE B 68 -15.96 -1.50 -2.81
CA ILE B 68 -14.83 -1.91 -3.63
C ILE B 68 -13.51 -1.47 -2.98
N LYS B 69 -13.49 -0.26 -2.44
CA LYS B 69 -12.31 0.24 -1.74
CA LYS B 69 -12.30 0.24 -1.73
C LYS B 69 -11.92 -0.69 -0.57
N THR B 70 -12.90 -1.12 0.20
CA THR B 70 -12.59 -1.97 1.35
C THR B 70 -12.19 -3.37 0.90
N LEU B 71 -12.73 -3.82 -0.24
CA LEU B 71 -12.36 -5.13 -0.75
C LEU B 71 -10.92 -5.14 -1.28
N VAL B 72 -10.57 -4.10 -2.02
CA VAL B 72 -9.19 -3.92 -2.50
C VAL B 72 -8.21 -3.81 -1.35
N ALA B 73 -8.60 -3.08 -0.30
CA ALA B 73 -7.71 -2.84 0.83
C ALA B 73 -7.48 -4.12 1.64
N GLY B 74 -8.46 -5.02 1.61
CA GLY B 74 -8.49 -6.17 2.49
C GLY B 74 -7.75 -7.40 2.01
N VAL B 75 -7.23 -7.34 0.77
CA VAL B 75 -6.42 -8.42 0.24
C VAL B 75 -5.16 -7.84 -0.38
N ASN B 76 -4.13 -8.66 -0.59
CA ASN B 76 -2.96 -8.15 -1.30
C ASN B 76 -2.82 -8.78 -2.69
N VAL B 77 -3.97 -9.08 -3.30
CA VAL B 77 -3.97 -9.57 -4.67
C VAL B 77 -4.81 -8.61 -5.53
N PRO B 78 -4.43 -8.43 -6.81
N PRO B 78 -4.43 -8.42 -6.80
CA PRO B 78 -5.15 -7.51 -7.71
CA PRO B 78 -5.13 -7.49 -7.69
C PRO B 78 -6.61 -7.88 -7.87
C PRO B 78 -6.60 -7.87 -7.89
N VAL B 79 -7.48 -6.87 -7.90
CA VAL B 79 -8.90 -7.08 -8.11
C VAL B 79 -9.30 -6.46 -9.44
N GLN B 80 -10.04 -7.19 -10.26
CA GLN B 80 -10.61 -6.55 -11.45
C GLN B 80 -12.12 -6.45 -11.26
N VAL B 81 -12.69 -5.36 -11.76
CA VAL B 81 -14.09 -5.06 -11.53
C VAL B 81 -14.76 -4.63 -12.83
N GLY B 82 -15.97 -5.15 -13.06
CA GLY B 82 -16.82 -4.65 -14.12
C GLY B 82 -18.20 -4.35 -13.56
N GLY B 83 -19.05 -3.72 -14.37
CA GLY B 83 -20.42 -3.45 -13.98
C GLY B 83 -20.83 -2.01 -14.28
N GLY B 84 -21.41 -1.80 -15.45
CA GLY B 84 -21.94 -0.50 -15.81
C GLY B 84 -20.89 0.57 -16.01
N VAL B 85 -19.71 0.17 -16.46
CA VAL B 85 -18.69 1.16 -16.78
C VAL B 85 -19.02 1.79 -18.12
N ARG B 86 -19.29 3.09 -18.13
CA ARG B 86 -19.80 3.78 -19.32
C ARG B 86 -19.06 5.06 -19.69
N THR B 87 -18.29 5.61 -18.75
CA THR B 87 -17.56 6.85 -19.01
C THR B 87 -16.09 6.76 -18.61
N GLU B 88 -15.30 7.67 -19.17
CA GLU B 88 -13.90 7.80 -18.81
C GLU B 88 -13.75 7.98 -17.29
N GLU B 89 -14.67 8.73 -16.69
CA GLU B 89 -14.60 9.02 -15.27
C GLU B 89 -14.90 7.77 -14.42
N ASP B 90 -15.79 6.91 -14.91
CA ASP B 90 -16.05 5.62 -14.26
C ASP B 90 -14.77 4.79 -14.13
N VAL B 91 -14.04 4.70 -15.25
CA VAL B 91 -12.78 3.96 -15.28
C VAL B 91 -11.80 4.58 -14.29
N ALA B 92 -11.64 5.90 -14.36
CA ALA B 92 -10.70 6.59 -13.48
C ALA B 92 -11.08 6.40 -12.01
N ALA B 93 -12.38 6.43 -11.72
CA ALA B 93 -12.85 6.26 -10.34
C ALA B 93 -12.49 4.88 -9.79
N LEU B 94 -12.64 3.84 -10.61
CA LEU B 94 -12.31 2.48 -10.18
C LEU B 94 -10.81 2.31 -9.97
N LEU B 95 -10.00 2.84 -10.89
CA LEU B 95 -8.53 2.79 -10.72
C LEU B 95 -8.09 3.54 -9.48
N LYS B 96 -8.73 4.68 -9.21
CA LYS B 96 -8.38 5.45 -8.03
C LYS B 96 -8.83 4.73 -6.75
N ALA B 97 -9.86 3.91 -6.86
CA ALA B 97 -10.32 3.12 -5.71
C ALA B 97 -9.40 1.92 -5.47
N GLY B 98 -8.50 1.66 -6.42
CA GLY B 98 -7.47 0.67 -6.20
C GLY B 98 -7.63 -0.61 -7.01
N VAL B 99 -8.60 -0.61 -7.93
CA VAL B 99 -8.83 -1.74 -8.82
C VAL B 99 -7.69 -1.89 -9.82
N ALA B 100 -7.32 -3.13 -10.16
CA ALA B 100 -6.21 -3.35 -11.11
C ALA B 100 -6.63 -3.22 -12.56
N ARG B 101 -7.78 -3.78 -12.88
CA ARG B 101 -8.30 -3.73 -14.25
C ARG B 101 -9.79 -3.45 -14.25
N VAL B 102 -10.24 -2.66 -15.22
CA VAL B 102 -11.65 -2.35 -15.35
C VAL B 102 -12.22 -3.15 -16.52
N VAL B 103 -13.29 -3.91 -16.25
CA VAL B 103 -13.90 -4.85 -17.18
C VAL B 103 -15.11 -4.19 -17.83
N ILE B 104 -15.16 -4.20 -19.16
CA ILE B 104 -16.15 -3.43 -19.91
C ILE B 104 -16.74 -4.26 -21.03
N ALA B 105 -18.04 -4.47 -21.00
CA ALA B 105 -18.72 -5.20 -22.07
C ALA B 105 -19.66 -4.29 -22.86
N SER B 106 -20.77 -3.91 -22.24
CA SER B 106 -21.83 -3.16 -22.94
CA SER B 106 -21.82 -3.17 -22.95
C SER B 106 -21.32 -1.92 -23.67
N THR B 107 -20.60 -1.07 -22.95
CA THR B 107 -20.13 0.17 -23.56
C THR B 107 -19.11 -0.11 -24.67
N ALA B 108 -18.41 -1.24 -24.57
CA ALA B 108 -17.41 -1.58 -25.58
C ALA B 108 -18.10 -1.94 -26.90
N VAL B 109 -19.32 -2.45 -26.79
CA VAL B 109 -20.14 -2.77 -27.97
C VAL B 109 -20.83 -1.54 -28.52
N LYS B 110 -21.42 -0.77 -27.61
CA LYS B 110 -22.28 0.34 -28.01
C LYS B 110 -21.51 1.57 -28.48
N SER B 111 -20.34 1.80 -27.90
CA SER B 111 -19.59 3.03 -28.14
C SER B 111 -18.10 2.77 -28.31
N PRO B 112 -17.72 2.08 -29.40
CA PRO B 112 -16.32 1.70 -29.56
C PRO B 112 -15.41 2.91 -29.76
N ASP B 113 -15.89 3.95 -30.42
CA ASP B 113 -15.09 5.16 -30.63
C ASP B 113 -14.70 5.78 -29.28
N VAL B 114 -15.61 5.69 -28.32
CA VAL B 114 -15.37 6.24 -26.97
C VAL B 114 -14.39 5.36 -26.21
N VAL B 115 -14.60 4.05 -26.24
CA VAL B 115 -13.73 3.14 -25.47
C VAL B 115 -12.31 3.13 -26.05
N LYS B 116 -12.19 3.31 -27.36
CA LYS B 116 -10.86 3.44 -27.96
C LYS B 116 -10.07 4.60 -27.36
N GLY B 117 -10.77 5.69 -27.04
CA GLY B 117 -10.14 6.81 -26.37
C GLY B 117 -9.61 6.45 -25.01
N TRP B 118 -10.27 5.51 -24.33
CA TRP B 118 -9.83 5.11 -22.99
C TRP B 118 -8.48 4.37 -23.06
N PHE B 119 -8.27 3.62 -24.13
CA PHE B 119 -7.02 2.90 -24.29
C PHE B 119 -5.87 3.89 -24.38
N GLU B 120 -6.11 5.00 -25.07
N GLU B 120 -6.11 5.00 -25.07
CA GLU B 120 -5.10 6.06 -25.19
CA GLU B 120 -5.10 6.04 -25.19
C GLU B 120 -4.75 6.63 -23.84
C GLU B 120 -4.76 6.67 -23.86
N ARG B 121 -5.77 6.91 -23.03
CA ARG B 121 -5.56 7.54 -21.74
C ARG B 121 -4.98 6.61 -20.68
N PHE B 122 -5.59 5.44 -20.51
CA PHE B 122 -5.26 4.57 -19.37
C PHE B 122 -4.21 3.51 -19.70
N GLY B 123 -4.05 3.19 -20.98
CA GLY B 123 -3.15 2.14 -21.37
C GLY B 123 -3.85 0.80 -21.39
N ALA B 124 -3.31 -0.14 -22.14
CA ALA B 124 -4.01 -1.38 -22.42
C ALA B 124 -4.07 -2.32 -21.25
N GLN B 125 -3.13 -2.22 -20.30
CA GLN B 125 -3.14 -3.21 -19.24
C GLN B 125 -4.22 -2.94 -18.21
N ALA B 126 -4.79 -1.73 -18.24
CA ALA B 126 -5.81 -1.34 -17.26
C ALA B 126 -7.21 -1.76 -17.66
N LEU B 127 -7.37 -2.14 -18.92
CA LEU B 127 -8.70 -2.39 -19.48
C LEU B 127 -8.88 -3.82 -19.97
N VAL B 128 -10.02 -4.42 -19.59
CA VAL B 128 -10.39 -5.75 -20.08
C VAL B 128 -11.64 -5.61 -20.95
N LEU B 129 -11.52 -6.03 -22.20
CA LEU B 129 -12.68 -6.08 -23.08
C LEU B 129 -13.47 -7.32 -22.71
N ALA B 130 -14.70 -7.15 -22.24
CA ALA B 130 -15.52 -8.31 -21.92
C ALA B 130 -16.48 -8.57 -23.08
N LEU B 131 -16.55 -9.83 -23.49
CA LEU B 131 -17.40 -10.23 -24.60
C LEU B 131 -18.46 -11.18 -24.09
N ASP B 132 -19.72 -10.79 -24.18
CA ASP B 132 -20.82 -11.68 -23.83
C ASP B 132 -21.27 -12.46 -25.05
N VAL B 133 -20.71 -13.65 -25.22
CA VAL B 133 -20.93 -14.43 -26.42
C VAL B 133 -22.18 -15.30 -26.35
N ARG B 134 -22.99 -15.22 -27.41
CA ARG B 134 -24.06 -16.16 -27.66
C ARG B 134 -23.87 -16.75 -29.06
N ILE B 135 -23.61 -18.04 -29.16
CA ILE B 135 -23.47 -18.70 -30.45
C ILE B 135 -24.85 -18.90 -31.08
N ASP B 136 -25.11 -18.28 -32.23
CA ASP B 136 -26.43 -18.41 -32.86
C ASP B 136 -26.51 -19.65 -33.75
N GLU B 137 -27.60 -19.72 -34.52
CA GLU B 137 -27.84 -20.82 -35.46
C GLU B 137 -26.66 -21.14 -36.33
N HIS B 138 -26.18 -20.12 -37.05
CA HIS B 138 -25.15 -20.28 -38.06
C HIS B 138 -23.76 -20.47 -37.44
N GLY B 139 -23.68 -20.36 -36.13
CA GLY B 139 -22.43 -20.55 -35.43
C GLY B 139 -21.67 -19.24 -35.28
N THR B 140 -22.33 -18.14 -35.61
CA THR B 140 -21.75 -16.82 -35.40
C THR B 140 -21.64 -16.51 -33.91
N LYS B 141 -20.49 -15.97 -33.50
CA LYS B 141 -20.30 -15.56 -32.13
C LYS B 141 -20.82 -14.15 -31.91
N GLN B 142 -22.09 -14.04 -31.49
CA GLN B 142 -22.72 -12.73 -31.32
C GLN B 142 -22.35 -12.15 -29.97
N VAL B 143 -22.03 -10.86 -29.94
CA VAL B 143 -21.65 -10.20 -28.69
C VAL B 143 -22.46 -8.93 -28.37
N ALA B 144 -23.46 -8.61 -29.19
CA ALA B 144 -24.30 -7.44 -28.88
C ALA B 144 -25.26 -7.71 -27.71
N GLY B 153 -26.54 -6.77 -35.36
CA GLY B 153 -25.67 -6.98 -34.21
C GLY B 153 -24.20 -6.98 -34.56
N VAL B 154 -23.35 -7.37 -33.62
N VAL B 154 -23.35 -7.38 -33.62
CA VAL B 154 -21.90 -7.39 -33.84
CA VAL B 154 -21.90 -7.37 -33.79
C VAL B 154 -21.30 -8.75 -33.48
C VAL B 154 -21.28 -8.73 -33.45
N SER B 155 -20.32 -9.18 -34.26
CA SER B 155 -19.63 -10.44 -33.98
C SER B 155 -18.42 -10.22 -33.10
N LEU B 156 -18.01 -11.27 -32.41
CA LEU B 156 -16.79 -11.27 -31.61
C LEU B 156 -15.62 -10.80 -32.44
N GLU B 157 -15.50 -11.36 -33.65
CA GLU B 157 -14.36 -11.04 -34.51
C GLU B 157 -14.34 -9.58 -34.90
N GLN B 158 -15.50 -9.03 -35.27
CA GLN B 158 -15.59 -7.62 -35.62
C GLN B 158 -15.17 -6.74 -34.44
N LEU B 159 -15.64 -7.09 -33.25
CA LEU B 159 -15.36 -6.22 -32.11
C LEU B 159 -13.90 -6.31 -31.71
N VAL B 160 -13.35 -7.52 -31.67
CA VAL B 160 -11.94 -7.68 -31.33
C VAL B 160 -11.06 -6.94 -32.33
N GLU B 161 -11.36 -7.10 -33.62
CA GLU B 161 -10.59 -6.41 -34.66
C GLU B 161 -10.65 -4.89 -34.46
N THR B 162 -11.77 -4.40 -33.95
CA THR B 162 -11.95 -2.97 -33.74
C THR B 162 -10.96 -2.42 -32.71
N TYR B 163 -10.67 -3.23 -31.70
CA TYR B 163 -9.82 -2.77 -30.59
C TYR B 163 -8.34 -3.13 -30.70
N LEU B 164 -8.00 -4.08 -31.56
CA LEU B 164 -6.59 -4.45 -31.73
C LEU B 164 -5.68 -3.25 -32.05
N PRO B 165 -6.12 -2.33 -32.93
CA PRO B 165 -5.19 -1.23 -33.25
C PRO B 165 -4.91 -0.25 -32.12
N VAL B 166 -5.72 -0.22 -31.06
CA VAL B 166 -5.38 0.67 -29.95
C VAL B 166 -4.70 -0.09 -28.82
N GLY B 167 -4.28 -1.33 -29.08
CA GLY B 167 -3.42 -2.04 -28.16
C GLY B 167 -4.11 -3.05 -27.26
N LEU B 168 -5.32 -3.48 -27.62
CA LEU B 168 -6.05 -4.48 -26.81
C LEU B 168 -5.18 -5.67 -26.41
N LYS B 169 -5.13 -6.01 -25.12
CA LYS B 169 -4.35 -7.14 -24.65
C LYS B 169 -5.15 -8.15 -23.81
N HIS B 170 -6.22 -7.71 -23.17
CA HIS B 170 -7.00 -8.54 -22.25
C HIS B 170 -8.45 -8.68 -22.69
N VAL B 171 -8.90 -9.91 -22.83
CA VAL B 171 -10.29 -10.15 -23.17
C VAL B 171 -10.93 -11.18 -22.24
N LEU B 172 -12.04 -10.81 -21.65
CA LEU B 172 -12.86 -11.72 -20.87
C LEU B 172 -13.96 -12.28 -21.79
N CYS B 173 -13.86 -13.55 -22.16
CA CYS B 173 -14.77 -14.15 -23.14
C CYS B 173 -15.72 -15.10 -22.43
N THR B 174 -16.95 -14.64 -22.23
CA THR B 174 -17.97 -15.39 -21.51
C THR B 174 -18.92 -16.06 -22.49
N ASP B 175 -19.11 -17.37 -22.36
CA ASP B 175 -20.20 -18.05 -23.04
C ASP B 175 -21.41 -17.92 -22.13
N ILE B 176 -22.30 -16.96 -22.40
CA ILE B 176 -23.28 -16.65 -21.38
C ILE B 176 -24.27 -17.78 -21.18
N SER B 177 -24.44 -18.66 -22.17
CA SER B 177 -25.30 -19.83 -22.00
C SER B 177 -24.75 -20.80 -20.95
N ARG B 178 -23.46 -20.70 -20.67
CA ARG B 178 -22.82 -21.62 -19.71
C ARG B 178 -22.71 -21.08 -18.30
N ASP B 179 -22.99 -19.79 -18.15
CA ASP B 179 -22.96 -19.13 -16.85
CA ASP B 179 -22.95 -19.15 -16.84
C ASP B 179 -23.78 -19.89 -15.80
N GLY B 180 -23.13 -20.31 -14.71
CA GLY B 180 -23.79 -20.97 -13.60
C GLY B 180 -24.35 -22.36 -13.85
N THR B 181 -23.93 -23.00 -14.94
CA THR B 181 -24.49 -24.31 -15.27
C THR B 181 -23.78 -25.48 -14.59
N LEU B 182 -22.53 -25.27 -14.18
CA LEU B 182 -21.69 -26.35 -13.64
C LEU B 182 -21.55 -27.49 -14.65
N ALA B 183 -21.68 -27.17 -15.93
CA ALA B 183 -21.71 -28.23 -16.94
C ALA B 183 -20.46 -28.23 -17.81
N GLY B 184 -19.56 -27.29 -17.51
CA GLY B 184 -18.28 -27.20 -18.22
C GLY B 184 -18.19 -25.90 -19.00
N SER B 185 -16.98 -25.36 -19.11
CA SER B 185 -16.76 -24.19 -19.96
C SER B 185 -16.66 -24.60 -21.43
N ASN B 186 -16.72 -23.60 -22.31
CA ASN B 186 -16.75 -23.89 -23.76
C ASN B 186 -15.35 -24.07 -24.32
N VAL B 187 -14.81 -25.28 -24.19
CA VAL B 187 -13.41 -25.52 -24.51
C VAL B 187 -13.07 -25.17 -25.96
N SER B 188 -13.91 -25.60 -26.89
CA SER B 188 -13.66 -25.36 -28.30
CA SER B 188 -13.69 -25.36 -28.31
C SER B 188 -13.70 -23.87 -28.66
N LEU B 189 -14.57 -23.12 -27.99
CA LEU B 189 -14.64 -21.68 -28.24
C LEU B 189 -13.30 -21.03 -27.88
N TYR B 190 -12.74 -21.41 -26.74
CA TYR B 190 -11.49 -20.81 -26.29
C TYR B 190 -10.32 -21.30 -27.12
N GLU B 191 -10.33 -22.57 -27.49
CA GLU B 191 -9.32 -23.08 -28.40
C GLU B 191 -9.31 -22.23 -29.66
N GLU B 192 -10.51 -21.93 -30.17
CA GLU B 192 -10.62 -21.17 -31.40
C GLU B 192 -10.17 -19.72 -31.25
N VAL B 193 -10.71 -19.00 -30.28
CA VAL B 193 -10.43 -17.56 -30.22
C VAL B 193 -9.00 -17.32 -29.74
N CYS B 194 -8.46 -18.18 -28.87
CA CYS B 194 -7.06 -18.01 -28.45
C CYS B 194 -6.12 -18.19 -29.64
N ALA B 195 -6.51 -19.04 -30.58
CA ALA B 195 -5.70 -19.30 -31.76
C ALA B 195 -5.86 -18.16 -32.77
N ARG B 196 -7.05 -17.60 -32.81
N ARG B 196 -7.05 -17.59 -32.83
CA ARG B 196 -7.35 -16.52 -33.73
CA ARG B 196 -7.32 -16.52 -33.79
C ARG B 196 -6.59 -15.26 -33.34
C ARG B 196 -6.62 -15.22 -33.34
N TYR B 197 -6.40 -15.07 -32.04
CA TYR B 197 -5.76 -13.88 -31.50
C TYR B 197 -4.68 -14.21 -30.46
N PRO B 198 -3.55 -14.77 -30.91
CA PRO B 198 -2.52 -15.22 -29.96
C PRO B 198 -1.85 -14.09 -29.17
N GLN B 199 -2.02 -12.84 -29.59
CA GLN B 199 -1.41 -11.71 -28.86
C GLN B 199 -2.27 -11.28 -27.69
N ILE B 200 -3.49 -11.85 -27.61
CA ILE B 200 -4.44 -11.52 -26.57
CA ILE B 200 -4.44 -11.52 -26.56
C ILE B 200 -4.35 -12.51 -25.41
N ALA B 201 -4.52 -12.01 -24.19
CA ALA B 201 -4.63 -12.87 -23.03
C ALA B 201 -6.11 -13.04 -22.74
N PHE B 202 -6.63 -14.24 -23.04
CA PHE B 202 -8.05 -14.53 -22.84
C PHE B 202 -8.32 -15.09 -21.46
N GLN B 203 -9.40 -14.60 -20.85
CA GLN B 203 -9.94 -15.18 -19.64
C GLN B 203 -11.21 -15.91 -20.03
N SER B 204 -11.31 -17.19 -19.69
CA SER B 204 -12.54 -17.93 -19.91
C SER B 204 -13.50 -17.68 -18.75
N SER B 205 -14.79 -17.76 -19.05
CA SER B 205 -15.79 -17.52 -18.04
C SER B 205 -17.09 -18.23 -18.35
N GLY B 206 -17.64 -18.90 -17.34
CA GLY B 206 -18.94 -19.52 -17.48
C GLY B 206 -18.85 -21.02 -17.58
N GLY B 207 -19.42 -21.70 -16.60
CA GLY B 207 -19.67 -23.12 -16.71
C GLY B 207 -18.80 -24.08 -15.92
N ILE B 208 -17.68 -23.63 -15.35
CA ILE B 208 -16.84 -24.55 -14.58
C ILE B 208 -17.69 -25.27 -13.53
N GLY B 209 -17.60 -26.60 -13.51
CA GLY B 209 -18.41 -27.40 -12.61
C GLY B 209 -17.59 -28.27 -11.67
N ASP B 210 -16.44 -28.74 -12.15
CA ASP B 210 -15.57 -29.55 -11.34
C ASP B 210 -14.11 -29.41 -11.78
N ILE B 211 -13.22 -30.08 -11.05
CA ILE B 211 -11.79 -29.98 -11.33
C ILE B 211 -11.45 -30.42 -12.75
N ASP B 212 -12.14 -31.43 -13.25
CA ASP B 212 -11.92 -31.88 -14.62
C ASP B 212 -12.19 -30.78 -15.65
N ASP B 213 -13.13 -29.88 -15.35
CA ASP B 213 -13.42 -28.76 -16.24
C ASP B 213 -12.27 -27.75 -16.29
N ILE B 214 -11.53 -27.65 -15.18
CA ILE B 214 -10.34 -26.80 -15.16
C ILE B 214 -9.20 -27.45 -15.95
N ALA B 215 -9.02 -28.74 -15.75
CA ALA B 215 -8.00 -29.49 -16.49
C ALA B 215 -8.22 -29.36 -17.99
N ALA B 216 -9.48 -29.35 -18.40
CA ALA B 216 -9.82 -29.37 -19.83
C ALA B 216 -9.43 -28.08 -20.54
N LEU B 217 -9.20 -27.02 -19.77
CA LEU B 217 -8.82 -25.73 -20.36
C LEU B 217 -7.30 -25.51 -20.43
N ARG B 218 -6.53 -26.38 -19.80
N ARG B 218 -6.52 -26.39 -19.81
CA ARG B 218 -5.08 -26.35 -19.93
CA ARG B 218 -5.07 -26.19 -19.69
C ARG B 218 -4.69 -26.68 -21.36
C ARG B 218 -4.35 -26.01 -21.02
N GLY B 219 -3.86 -25.83 -21.96
N GLY B 219 -4.72 -26.80 -22.03
CA GLY B 219 -3.41 -26.08 -23.32
CA GLY B 219 -4.02 -26.77 -23.30
C GLY B 219 -4.28 -25.48 -24.39
C GLY B 219 -4.77 -26.01 -24.38
N THR B 220 -5.43 -24.93 -24.00
CA THR B 220 -6.28 -24.18 -24.93
C THR B 220 -5.65 -22.85 -25.29
N GLY B 221 -4.84 -22.32 -24.38
CA GLY B 221 -4.20 -21.03 -24.60
C GLY B 221 -4.77 -19.96 -23.71
N VAL B 222 -5.87 -20.28 -23.03
N VAL B 222 -5.87 -20.27 -23.03
CA VAL B 222 -6.50 -19.41 -22.05
CA VAL B 222 -6.45 -19.31 -22.10
C VAL B 222 -5.49 -19.04 -20.93
C VAL B 222 -5.42 -19.01 -21.02
N ARG B 223 -5.42 -17.76 -20.56
CA ARG B 223 -4.46 -17.30 -19.58
C ARG B 223 -5.04 -17.26 -18.16
N GLY B 224 -6.35 -17.09 -18.09
CA GLY B 224 -7.03 -17.03 -16.81
C GLY B 224 -8.36 -17.75 -16.86
N VAL B 225 -8.68 -18.50 -15.82
CA VAL B 225 -9.94 -19.24 -15.76
C VAL B 225 -10.83 -18.64 -14.68
N ILE B 226 -11.91 -17.98 -15.09
CA ILE B 226 -12.83 -17.43 -14.10
C ILE B 226 -13.73 -18.53 -13.56
N VAL B 227 -13.80 -18.61 -12.24
CA VAL B 227 -14.65 -19.59 -11.56
C VAL B 227 -15.54 -18.87 -10.56
N GLY B 228 -16.86 -18.99 -10.73
CA GLY B 228 -17.82 -18.39 -9.80
C GLY B 228 -18.55 -19.42 -8.96
N ARG B 229 -19.60 -19.99 -9.55
CA ARG B 229 -20.52 -20.86 -8.81
C ARG B 229 -19.88 -22.09 -8.13
N ALA B 230 -18.94 -22.74 -8.80
CA ALA B 230 -18.37 -23.98 -8.26
C ALA B 230 -17.63 -23.73 -6.95
N LEU B 231 -16.97 -22.58 -6.86
CA LEU B 231 -16.29 -22.22 -5.61
C LEU B 231 -17.30 -21.87 -4.52
N LEU B 232 -18.33 -21.10 -4.88
CA LEU B 232 -19.33 -20.64 -3.92
C LEU B 232 -20.14 -21.80 -3.35
N GLU B 233 -20.30 -22.86 -4.14
CA GLU B 233 -21.11 -23.99 -3.69
C GLU B 233 -20.23 -25.19 -3.35
N GLY B 234 -18.93 -24.92 -3.21
CA GLY B 234 -18.00 -25.88 -2.62
C GLY B 234 -17.71 -27.14 -3.41
N LYS B 235 -17.83 -27.07 -4.73
CA LYS B 235 -17.54 -28.23 -5.57
C LYS B 235 -16.08 -28.61 -5.49
N PHE B 236 -15.23 -27.60 -5.28
CA PHE B 236 -13.81 -27.78 -4.99
C PHE B 236 -13.31 -26.51 -4.33
N THR B 237 -12.08 -26.54 -3.85
CA THR B 237 -11.49 -25.35 -3.21
C THR B 237 -10.59 -24.59 -4.18
N VAL B 238 -10.31 -23.33 -3.84
CA VAL B 238 -9.34 -22.55 -4.61
C VAL B 238 -8.01 -23.28 -4.68
N LYS B 239 -7.57 -23.85 -3.55
CA LYS B 239 -6.33 -24.60 -3.51
C LYS B 239 -6.34 -25.76 -4.51
N GLU B 240 -7.43 -26.51 -4.56
CA GLU B 240 -7.56 -27.62 -5.50
C GLU B 240 -7.61 -27.15 -6.96
N ALA B 241 -8.30 -26.04 -7.18
CA ALA B 241 -8.40 -25.46 -8.51
C ALA B 241 -7.02 -25.07 -9.02
N ILE B 242 -6.25 -24.43 -8.14
CA ILE B 242 -4.91 -23.95 -8.49
C ILE B 242 -3.94 -25.11 -8.77
N GLN B 243 -4.01 -26.15 -7.93
CA GLN B 243 -3.19 -27.35 -8.12
C GLN B 243 -3.41 -27.97 -9.49
N CYS B 244 -4.67 -28.05 -9.88
CA CYS B 244 -5.02 -28.62 -11.16
C CYS B 244 -4.52 -27.73 -12.29
N TRP B 245 -4.85 -26.44 -12.20
CA TRP B 245 -4.55 -25.49 -13.27
C TRP B 245 -3.04 -25.33 -13.50
N GLN B 246 -2.28 -25.32 -12.41
CA GLN B 246 -0.83 -25.16 -12.46
C GLN B 246 -0.14 -26.49 -12.74
N ASN B 247 -0.93 -27.56 -12.63
CA ASN B 247 -0.46 -28.92 -12.90
C ASN B 247 0.75 -29.30 -12.05
N MET C 1 1.66 6.98 34.64
CA MET C 1 1.67 8.18 35.46
C MET C 1 0.73 9.27 34.98
N ILE C 2 0.16 10.01 35.92
CA ILE C 2 -0.60 11.21 35.63
C ILE C 2 0.37 12.38 35.46
N ILE C 3 0.20 13.15 34.38
CA ILE C 3 1.07 14.26 34.08
C ILE C 3 0.29 15.57 33.92
N PRO C 4 0.19 16.34 35.01
CA PRO C 4 -0.49 17.64 34.92
C PRO C 4 0.26 18.61 34.00
N ALA C 5 -0.47 19.48 33.31
CA ALA C 5 0.10 20.38 32.31
C ALA C 5 -0.34 21.84 32.48
N LEU C 6 0.60 22.77 32.30
CA LEU C 6 0.29 24.20 32.28
C LEU C 6 0.75 24.88 30.98
N ASN C 7 -0.10 25.78 30.48
CA ASN C 7 0.26 26.67 29.38
CA ASN C 7 0.25 26.67 29.37
C ASN C 7 0.73 28.01 29.88
N LEU C 8 1.90 28.44 29.44
CA LEU C 8 2.47 29.69 29.95
C LEU C 8 2.68 30.73 28.85
N ILE C 9 2.09 31.90 29.05
CA ILE C 9 2.38 33.05 28.21
C ILE C 9 2.82 34.20 29.10
N GLY C 10 4.09 34.59 28.97
CA GLY C 10 4.63 35.70 29.74
C GLY C 10 4.33 35.61 31.21
N GLY C 11 4.46 34.41 31.78
CA GLY C 11 4.33 34.25 33.22
C GLY C 11 2.92 33.96 33.67
N THR C 12 1.98 33.98 32.73
CA THR C 12 0.58 33.73 33.02
C THR C 12 0.14 32.33 32.61
N VAL C 13 -0.60 31.65 33.49
CA VAL C 13 -1.19 30.37 33.15
C VAL C 13 -2.47 30.60 32.35
N VAL C 14 -2.48 30.11 31.11
CA VAL C 14 -3.57 30.42 30.19
C VAL C 14 -4.31 29.22 29.62
N ARG C 15 -5.57 29.44 29.29
CA ARG C 15 -6.33 28.55 28.44
C ARG C 15 -6.30 29.12 27.03
N VAL C 16 -5.90 28.30 26.07
CA VAL C 16 -5.93 28.75 24.68
C VAL C 16 -6.74 27.79 23.83
N VAL C 17 -7.14 28.24 22.66
CA VAL C 17 -7.79 27.36 21.70
C VAL C 17 -6.93 27.32 20.45
N ARG C 18 -6.63 26.11 19.99
CA ARG C 18 -5.89 25.93 18.75
C ARG C 18 -6.73 26.40 17.59
N LEU C 19 -6.16 27.22 16.73
CA LEU C 19 -6.81 27.55 15.47
C LEU C 19 -6.17 26.64 14.42
N HIS C 20 -6.31 26.98 13.15
CA HIS C 20 -5.59 26.22 12.13
C HIS C 20 -4.13 26.59 12.20
N GLN C 21 -3.27 25.90 11.46
CA GLN C 21 -1.87 26.28 11.43
C GLN C 21 -1.34 26.05 12.87
N GLY C 22 -0.24 26.69 13.26
CA GLY C 22 0.17 26.71 14.65
C GLY C 22 -0.40 27.93 15.34
N ASP C 23 -1.47 28.48 14.76
CA ASP C 23 -2.14 29.66 15.30
C ASP C 23 -2.93 29.27 16.54
N TYR C 24 -3.17 30.23 17.42
CA TYR C 24 -3.99 29.98 18.59
C TYR C 24 -4.59 31.27 19.13
N ALA C 25 -5.61 31.13 19.96
CA ALA C 25 -6.25 32.27 20.56
C ALA C 25 -6.35 32.07 22.06
N ARG C 26 -5.96 33.10 22.78
CA ARG C 26 -6.01 33.12 24.23
C ARG C 26 -7.45 33.32 24.69
N LEU C 27 -7.96 32.38 25.49
CA LEU C 27 -9.34 32.43 25.95
C LEU C 27 -9.49 32.89 27.39
N ARG C 28 -8.56 32.49 28.24
CA ARG C 28 -8.74 32.70 29.68
C ARG C 28 -7.42 32.70 30.43
N ASP C 29 -7.27 33.64 31.36
CA ASP C 29 -6.14 33.65 32.28
C ASP C 29 -6.54 32.96 33.58
N TYR C 30 -5.88 31.86 33.91
CA TYR C 30 -6.16 31.18 35.16
C TYR C 30 -5.55 31.93 36.34
N GLY C 31 -4.36 32.50 36.12
CA GLY C 31 -3.64 33.20 37.17
C GLY C 31 -2.17 33.40 36.85
N ASN C 32 -1.48 34.17 37.68
CA ASN C 32 -0.06 34.43 37.49
C ASN C 32 0.78 33.65 38.50
N ASP C 33 0.29 32.47 38.87
CA ASP C 33 0.89 31.70 39.94
C ASP C 33 1.25 30.26 39.54
N PRO C 34 2.09 30.09 38.50
CA PRO C 34 2.39 28.71 38.12
C PRO C 34 3.09 27.90 39.22
N LEU C 35 3.95 28.54 40.02
CA LEU C 35 4.72 27.78 41.01
C LEU C 35 3.83 27.13 42.09
N PRO C 36 2.97 27.92 42.78
CA PRO C 36 2.10 27.24 43.74
C PRO C 36 1.20 26.16 43.13
N ARG C 37 0.75 26.36 41.89
CA ARG C 37 -0.08 25.37 41.22
C ARG C 37 0.68 24.05 41.04
N LEU C 38 1.92 24.15 40.56
CA LEU C 38 2.76 22.96 40.39
C LEU C 38 3.11 22.35 41.74
N GLN C 39 3.41 23.19 42.73
CA GLN C 39 3.76 22.69 44.03
C GLN C 39 2.59 21.91 44.64
N ASP C 40 1.37 22.40 44.40
CA ASP C 40 0.19 21.67 44.84
C ASP C 40 0.05 20.35 44.09
N TYR C 41 0.32 20.38 42.77
CA TYR C 41 0.29 19.17 41.96
C TYR C 41 1.27 18.12 42.50
N ALA C 42 2.48 18.56 42.81
CA ALA C 42 3.50 17.67 43.36
C ALA C 42 3.11 17.15 44.75
N ALA C 43 2.54 18.01 45.59
CA ALA C 43 2.17 17.60 46.93
C ALA C 43 1.11 16.49 46.87
N GLN C 44 0.28 16.51 45.83
CA GLN C 44 -0.75 15.48 45.67
C GLN C 44 -0.24 14.19 45.00
N GLY C 45 1.05 14.15 44.69
CA GLY C 45 1.69 12.93 44.22
C GLY C 45 2.16 12.92 42.78
N ALA C 46 1.95 14.01 42.05
CA ALA C 46 2.33 14.03 40.63
C ALA C 46 3.82 13.77 40.47
N GLY C 47 4.14 12.82 39.60
CA GLY C 47 5.52 12.37 39.39
C GLY C 47 6.25 13.03 38.25
N VAL C 48 5.50 13.64 37.32
CA VAL C 48 6.05 14.40 36.20
C VAL C 48 5.18 15.63 36.02
N LEU C 49 5.77 16.75 35.61
CA LEU C 49 5.01 17.97 35.30
C LEU C 49 5.34 18.42 33.87
N HIS C 50 4.33 18.92 33.16
CA HIS C 50 4.44 19.27 31.74
C HIS C 50 4.13 20.75 31.51
N LEU C 51 5.02 21.46 30.82
CA LEU C 51 4.80 22.87 30.56
C LEU C 51 4.94 23.20 29.08
N VAL C 52 4.04 24.03 28.57
CA VAL C 52 4.22 24.56 27.22
C VAL C 52 4.46 26.07 27.30
N ASP C 53 5.62 26.48 26.81
CA ASP C 53 6.02 27.88 26.81
C ASP C 53 5.61 28.50 25.49
N LEU C 54 4.41 29.09 25.48
CA LEU C 54 3.85 29.62 24.24
C LEU C 54 4.49 30.95 23.85
N THR C 55 5.17 31.59 24.80
CA THR C 55 5.91 32.81 24.51
C THR C 55 7.12 32.50 23.64
N GLY C 56 7.86 31.46 24.01
CA GLY C 56 9.02 31.03 23.24
C GLY C 56 8.61 30.45 21.90
N ALA C 57 7.42 29.86 21.86
CA ALA C 57 6.89 29.28 20.63
C ALA C 57 6.61 30.38 19.62
N LYS C 58 6.14 31.53 20.12
CA LYS C 58 5.88 32.67 19.25
C LYS C 58 7.18 33.43 18.95
N ASP C 59 8.07 33.49 19.93
CA ASP C 59 9.35 34.17 19.77
C ASP C 59 10.41 33.54 20.67
N PRO C 60 11.33 32.78 20.07
CA PRO C 60 12.39 32.03 20.77
C PRO C 60 13.32 32.92 21.59
N ALA C 61 13.42 34.19 21.20
CA ALA C 61 14.26 35.14 21.92
C ALA C 61 13.65 35.46 23.28
N LYS C 62 12.36 35.18 23.42
CA LYS C 62 11.63 35.46 24.64
C LYS C 62 11.29 34.20 25.41
N ARG C 63 12.06 33.13 25.18
CA ARG C 63 11.83 31.88 25.87
C ARG C 63 11.91 32.13 27.36
N GLN C 64 10.92 31.65 28.10
CA GLN C 64 10.78 31.95 29.51
C GLN C 64 11.75 31.15 30.38
N ILE C 65 13.03 31.21 30.04
CA ILE C 65 14.05 30.49 30.80
C ILE C 65 14.10 30.90 32.30
N PRO C 66 14.11 32.22 32.60
CA PRO C 66 14.13 32.57 34.04
C PRO C 66 12.97 31.97 34.83
N LEU C 67 11.77 32.01 34.26
CA LEU C 67 10.60 31.43 34.90
C LEU C 67 10.71 29.92 35.04
N ILE C 68 11.15 29.25 33.98
CA ILE C 68 11.28 27.80 34.00
C ILE C 68 12.27 27.37 35.09
N LYS C 69 13.34 28.14 35.26
CA LYS C 69 14.32 27.83 36.31
C LYS C 69 13.68 27.82 37.70
N THR C 70 12.81 28.78 37.97
CA THR C 70 12.16 28.86 39.28
C THR C 70 11.15 27.72 39.47
N LEU C 71 10.48 27.32 38.40
CA LEU C 71 9.50 26.23 38.48
C LEU C 71 10.19 24.89 38.74
N VAL C 72 11.24 24.60 37.98
CA VAL C 72 12.07 23.42 38.22
C VAL C 72 12.60 23.38 39.65
N ALA C 73 13.04 24.54 40.14
CA ALA C 73 13.62 24.63 41.47
C ALA C 73 12.59 24.40 42.57
N GLY C 74 11.33 24.71 42.28
CA GLY C 74 10.29 24.71 43.30
C GLY C 74 9.65 23.36 43.59
N VAL C 75 10.03 22.34 42.82
CA VAL C 75 9.53 20.97 43.04
C VAL C 75 10.68 19.96 43.01
N ASN C 76 10.49 18.78 43.59
CA ASN C 76 11.51 17.74 43.42
C ASN C 76 11.09 16.65 42.43
N VAL C 77 10.18 16.98 41.53
CA VAL C 77 9.78 16.08 40.45
C VAL C 77 10.18 16.62 39.08
N PRO C 78 10.48 15.72 38.14
CA PRO C 78 10.97 16.18 36.83
C PRO C 78 9.93 16.99 36.04
N VAL C 79 10.41 18.00 35.33
CA VAL C 79 9.57 18.85 34.52
C VAL C 79 9.93 18.68 33.04
N GLN C 80 8.95 18.44 32.16
CA GLN C 80 9.25 18.45 30.74
C GLN C 80 8.64 19.69 30.12
N VAL C 81 9.35 20.29 29.18
CA VAL C 81 8.97 21.58 28.62
C VAL C 81 9.03 21.58 27.10
N GLY C 82 8.01 22.13 26.46
CA GLY C 82 8.01 22.35 25.04
C GLY C 82 7.59 23.77 24.71
N GLY C 83 7.69 24.14 23.44
CA GLY C 83 7.27 25.46 23.02
C GLY C 83 8.29 26.08 22.09
N GLY C 84 8.12 25.83 20.80
CA GLY C 84 8.95 26.45 19.79
C GLY C 84 10.43 26.15 19.90
N VAL C 85 10.76 24.92 20.31
CA VAL C 85 12.14 24.45 20.32
C VAL C 85 12.55 24.23 18.87
N ARG C 86 13.50 25.02 18.40
CA ARG C 86 13.83 25.03 16.98
C ARG C 86 15.29 24.68 16.72
N THR C 87 16.12 24.79 17.74
CA THR C 87 17.53 24.57 17.53
C THR C 87 18.20 23.79 18.65
N GLU C 88 19.38 23.26 18.33
CA GLU C 88 20.26 22.60 19.26
C GLU C 88 20.48 23.43 20.53
N GLU C 89 20.70 24.73 20.34
CA GLU C 89 20.95 25.64 21.45
C GLU C 89 19.74 25.78 22.36
N ASP C 90 18.55 25.75 21.77
CA ASP C 90 17.29 25.83 22.52
C ASP C 90 17.22 24.66 23.48
N VAL C 91 17.47 23.47 22.95
CA VAL C 91 17.47 22.25 23.75
C VAL C 91 18.48 22.33 24.89
N ALA C 92 19.69 22.77 24.57
CA ALA C 92 20.74 22.88 25.58
C ALA C 92 20.34 23.85 26.68
N ALA C 93 19.72 24.96 26.29
CA ALA C 93 19.33 25.97 27.26
C ALA C 93 18.28 25.44 28.25
N LEU C 94 17.31 24.69 27.74
CA LEU C 94 16.28 24.12 28.61
C LEU C 94 16.88 23.08 29.56
N LEU C 95 17.77 22.22 29.04
CA LEU C 95 18.42 21.22 29.88
C LEU C 95 19.26 21.90 30.96
N LYS C 96 20.01 22.94 30.56
CA LYS C 96 20.84 23.69 31.49
C LYS C 96 19.97 24.36 32.55
N ALA C 97 18.76 24.73 32.17
CA ALA C 97 17.81 25.37 33.09
C ALA C 97 17.19 24.35 34.06
N GLY C 98 17.37 23.06 33.78
CA GLY C 98 16.97 22.03 34.73
C GLY C 98 15.79 21.18 34.32
N VAL C 99 15.30 21.37 33.10
CA VAL C 99 14.24 20.55 32.54
CA VAL C 99 14.21 20.53 32.61
C VAL C 99 14.70 19.09 32.37
N ALA C 100 13.80 18.13 32.60
CA ALA C 100 14.18 16.72 32.42
C ALA C 100 14.12 16.31 30.96
N ARG C 101 13.09 16.77 30.27
CA ARG C 101 12.88 16.39 28.87
C ARG C 101 12.42 17.58 28.05
N VAL C 102 12.89 17.66 26.82
CA VAL C 102 12.52 18.75 25.93
C VAL C 102 11.57 18.20 24.85
N VAL C 103 10.43 18.86 24.71
CA VAL C 103 9.33 18.40 23.89
C VAL C 103 9.32 19.16 22.55
N ILE C 104 9.37 18.42 21.44
CA ILE C 104 9.57 19.01 20.12
C ILE C 104 8.55 18.44 19.13
N ALA C 105 7.73 19.31 18.55
CA ALA C 105 6.80 18.86 17.51
C ALA C 105 7.18 19.46 16.16
N SER C 106 7.04 20.77 16.05
CA SER C 106 7.10 21.44 14.75
C SER C 106 8.41 21.18 14.01
N THR C 107 9.53 21.35 14.72
CA THR C 107 10.83 21.19 14.09
C THR C 107 11.13 19.73 13.79
N ALA C 108 10.53 18.82 14.55
CA ALA C 108 10.75 17.39 14.35
C ALA C 108 10.11 16.86 13.08
N VAL C 109 8.96 17.41 12.69
CA VAL C 109 8.31 16.95 11.47
C VAL C 109 8.87 17.71 10.27
N LYS C 110 9.25 18.97 10.47
CA LYS C 110 9.76 19.78 9.37
C LYS C 110 11.21 19.43 9.00
N SER C 111 12.05 19.24 10.01
CA SER C 111 13.48 19.07 9.78
C SER C 111 14.08 17.86 10.50
N PRO C 112 13.71 16.65 10.08
CA PRO C 112 14.16 15.44 10.77
C PRO C 112 15.67 15.25 10.71
N ASP C 113 16.30 15.62 9.61
CA ASP C 113 17.76 15.55 9.50
C ASP C 113 18.41 16.33 10.65
N VAL C 114 17.85 17.50 10.95
CA VAL C 114 18.38 18.32 12.04
C VAL C 114 18.15 17.67 13.40
N VAL C 115 16.93 17.21 13.65
CA VAL C 115 16.57 16.72 14.96
C VAL C 115 17.25 15.37 15.26
N LYS C 116 17.47 14.57 14.22
CA LYS C 116 18.29 13.37 14.36
C LYS C 116 19.64 13.72 15.00
N GLY C 117 20.20 14.86 14.59
CA GLY C 117 21.46 15.33 15.13
C GLY C 117 21.39 15.63 16.61
N TRP C 118 20.23 16.05 17.08
CA TRP C 118 20.01 16.34 18.51
C TRP C 118 20.02 15.05 19.33
N PHE C 119 19.46 13.98 18.77
CA PHE C 119 19.46 12.69 19.44
C PHE C 119 20.89 12.24 19.67
N GLU C 120 21.74 12.50 18.68
CA GLU C 120 23.15 12.11 18.76
C GLU C 120 23.86 12.84 19.89
N ARG C 121 23.63 14.15 20.00
CA ARG C 121 24.30 14.94 21.01
C ARG C 121 23.74 14.77 22.41
N PHE C 122 22.41 14.83 22.53
CA PHE C 122 21.77 14.88 23.84
C PHE C 122 21.34 13.52 24.40
N GLY C 123 21.18 12.55 23.52
CA GLY C 123 20.72 11.22 23.90
C GLY C 123 19.20 11.16 23.88
N ALA C 124 18.67 9.95 23.76
CA ALA C 124 17.23 9.80 23.50
C ALA C 124 16.36 10.06 24.72
N GLN C 125 16.92 9.97 25.93
CA GLN C 125 16.07 10.12 27.10
C GLN C 125 15.71 11.59 27.36
N ALA C 126 16.46 12.51 26.76
CA ALA C 126 16.23 13.94 26.97
C ALA C 126 15.18 14.54 26.02
N LEU C 127 14.81 13.78 25.01
CA LEU C 127 14.00 14.32 23.93
C LEU C 127 12.67 13.60 23.77
N VAL C 128 11.60 14.38 23.69
CA VAL C 128 10.26 13.84 23.45
C VAL C 128 9.80 14.28 22.07
N LEU C 129 9.55 13.31 21.20
CA LEU C 129 8.96 13.59 19.91
C LEU C 129 7.49 13.86 20.14
N ALA C 130 7.06 15.10 19.89
CA ALA C 130 5.65 15.42 20.05
C ALA C 130 4.98 15.36 18.67
N LEU C 131 3.81 14.75 18.63
CA LEU C 131 3.07 14.57 17.38
C LEU C 131 1.72 15.20 17.51
N ASP C 132 1.45 16.23 16.69
CA ASP C 132 0.14 16.86 16.70
C ASP C 132 -0.74 16.15 15.68
N VAL C 133 -1.50 15.17 16.15
CA VAL C 133 -2.24 14.29 15.26
C VAL C 133 -3.62 14.83 14.88
N ARG C 134 -3.87 14.84 13.58
CA ARG C 134 -5.20 15.11 13.02
C ARG C 134 -5.60 13.88 12.22
N ILE C 135 -6.63 13.17 12.66
CA ILE C 135 -7.09 12.01 11.89
C ILE C 135 -7.93 12.50 10.73
N ASP C 136 -7.54 12.17 9.49
CA ASP C 136 -8.28 12.72 8.36
C ASP C 136 -9.42 11.77 7.98
N GLU C 137 -10.18 12.15 6.97
CA GLU C 137 -11.36 11.40 6.54
C GLU C 137 -11.05 9.95 6.16
N HIS C 138 -9.79 9.70 5.78
CA HIS C 138 -9.36 8.38 5.34
C HIS C 138 -8.76 7.58 6.50
N GLY C 139 -8.68 8.22 7.66
CA GLY C 139 -8.16 7.58 8.85
C GLY C 139 -6.66 7.70 9.03
N THR C 140 -5.98 8.39 8.11
CA THR C 140 -4.54 8.61 8.26
C THR C 140 -4.26 9.51 9.47
N LYS C 141 -3.29 9.13 10.29
CA LYS C 141 -2.88 9.95 11.42
C LYS C 141 -1.90 11.03 10.93
N GLN C 142 -2.43 12.16 10.48
CA GLN C 142 -1.59 13.21 9.90
C GLN C 142 -0.88 14.05 10.97
N VAL C 143 0.42 14.24 10.83
CA VAL C 143 1.16 15.02 11.85
C VAL C 143 1.93 16.24 11.29
N ALA C 144 1.75 16.57 10.01
CA ALA C 144 2.44 17.74 9.45
C ALA C 144 1.80 19.04 9.97
N VAL C 145 2.58 20.12 9.97
CA VAL C 145 2.11 21.39 10.54
C VAL C 145 2.38 22.57 9.60
N GLU C 150 -0.62 19.01 -2.36
CA GLU C 150 0.77 19.26 -1.99
C GLU C 150 1.57 17.97 -1.86
N ASN C 151 0.95 16.94 -1.31
CA ASN C 151 1.62 15.65 -1.12
C ASN C 151 2.79 15.77 -0.15
N SER C 152 2.67 16.66 0.82
CA SER C 152 3.73 16.86 1.80
C SER C 152 3.27 16.42 3.19
N GLY C 153 2.16 15.67 3.24
CA GLY C 153 1.67 15.13 4.49
C GLY C 153 2.63 14.12 5.07
N VAL C 154 2.65 14.03 6.40
CA VAL C 154 3.46 13.04 7.11
C VAL C 154 2.55 12.31 8.09
N SER C 155 2.61 10.98 8.10
CA SER C 155 1.79 10.21 9.02
C SER C 155 2.56 9.99 10.32
N LEU C 156 1.83 9.68 11.38
CA LEU C 156 2.44 9.37 12.67
C LEU C 156 3.49 8.26 12.50
N GLU C 157 3.08 7.18 11.85
CA GLU C 157 3.93 6.01 11.67
C GLU C 157 5.17 6.36 10.86
N GLN C 158 4.98 7.13 9.79
CA GLN C 158 6.09 7.63 9.01
C GLN C 158 7.13 8.36 9.88
N LEU C 159 6.67 9.26 10.75
CA LEU C 159 7.62 10.06 11.51
C LEU C 159 8.24 9.23 12.65
N VAL C 160 7.48 8.32 13.25
CA VAL C 160 8.05 7.42 14.27
C VAL C 160 9.16 6.56 13.65
N GLU C 161 8.88 5.99 12.49
CA GLU C 161 9.89 5.16 11.79
C GLU C 161 11.09 6.00 11.41
N THR C 162 10.88 7.30 11.20
CA THR C 162 11.99 8.18 10.84
C THR C 162 13.01 8.29 11.98
N TYR C 163 12.53 8.29 13.21
CA TYR C 163 13.46 8.48 14.34
C TYR C 163 13.87 7.21 15.09
N LEU C 164 13.21 6.10 14.80
CA LEU C 164 13.60 4.83 15.43
C LEU C 164 15.11 4.52 15.23
N PRO C 165 15.65 4.76 14.03
CA PRO C 165 17.09 4.48 13.86
C PRO C 165 18.03 5.34 14.71
N VAL C 166 17.58 6.47 15.25
CA VAL C 166 18.45 7.19 16.21
C VAL C 166 18.04 6.97 17.67
N GLY C 167 17.24 5.93 17.92
CA GLY C 167 16.96 5.49 19.28
C GLY C 167 15.78 6.15 19.97
N LEU C 168 14.84 6.69 19.21
CA LEU C 168 13.62 7.30 19.74
C LEU C 168 12.97 6.47 20.86
N LYS C 169 12.67 7.08 22.00
CA LYS C 169 12.06 6.34 23.11
C LYS C 169 10.81 7.01 23.66
N HIS C 170 10.72 8.32 23.49
CA HIS C 170 9.62 9.10 24.07
C HIS C 170 8.80 9.82 23.02
N VAL C 171 7.49 9.60 23.07
CA VAL C 171 6.59 10.21 22.06
C VAL C 171 5.40 10.80 22.80
N LEU C 172 5.13 12.08 22.56
CA LEU C 172 3.93 12.71 23.11
C LEU C 172 2.90 12.79 21.98
N CYS C 173 1.86 11.97 22.06
CA CYS C 173 0.89 11.85 20.95
C CYS C 173 -0.41 12.58 21.32
N THR C 174 -0.60 13.76 20.73
CA THR C 174 -1.75 14.60 21.05
C THR C 174 -2.79 14.52 19.94
N ASP C 175 -4.03 14.19 20.28
CA ASP C 175 -5.13 14.32 19.33
C ASP C 175 -5.58 15.75 19.44
N ILE C 176 -5.15 16.60 18.51
CA ILE C 176 -5.34 18.03 18.71
C ILE C 176 -6.79 18.45 18.57
N SER C 177 -7.62 17.57 18.00
CA SER C 177 -9.04 17.86 17.90
C SER C 177 -9.74 17.72 19.25
N ARG C 178 -9.09 17.01 20.17
CA ARG C 178 -9.68 16.79 21.50
C ARG C 178 -9.14 17.73 22.58
N ASP C 179 -8.02 18.37 22.28
CA ASP C 179 -7.38 19.33 23.17
C ASP C 179 -8.37 20.39 23.70
N GLY C 180 -8.58 20.37 25.01
CA GLY C 180 -9.42 21.37 25.67
C GLY C 180 -10.92 21.10 25.66
N THR C 181 -11.34 19.98 25.08
CA THR C 181 -12.76 19.73 24.86
C THR C 181 -13.49 19.10 26.05
N LEU C 182 -12.73 18.50 26.97
CA LEU C 182 -13.29 17.74 28.09
C LEU C 182 -14.12 16.53 27.63
N ALA C 183 -14.00 16.14 26.36
CA ALA C 183 -14.86 15.12 25.78
C ALA C 183 -14.26 13.72 25.85
N GLY C 184 -13.03 13.62 26.33
CA GLY C 184 -12.34 12.33 26.37
C GLY C 184 -11.12 12.29 25.47
N SER C 185 -10.09 11.56 25.89
CA SER C 185 -8.93 11.36 25.04
C SER C 185 -9.23 10.27 24.01
N ASN C 186 -8.37 10.17 23.00
CA ASN C 186 -8.61 9.23 21.91
C ASN C 186 -8.11 7.84 22.27
N VAL C 187 -8.91 7.11 23.03
CA VAL C 187 -8.48 5.81 23.57
C VAL C 187 -8.00 4.84 22.49
N SER C 188 -8.79 4.66 21.42
CA SER C 188 -8.44 3.69 20.40
C SER C 188 -7.09 4.02 19.73
N LEU C 189 -6.86 5.31 19.48
CA LEU C 189 -5.58 5.77 18.94
C LEU C 189 -4.40 5.28 19.81
N TYR C 190 -4.51 5.44 21.12
CA TYR C 190 -3.41 5.05 22.01
C TYR C 190 -3.29 3.54 22.10
N GLU C 191 -4.41 2.80 22.12
CA GLU C 191 -4.35 1.34 22.10
CA GLU C 191 -4.30 1.35 22.12
C GLU C 191 -3.53 0.88 20.90
N GLU C 192 -3.84 1.47 19.72
CA GLU C 192 -3.16 1.13 18.47
C GLU C 192 -1.66 1.42 18.47
N VAL C 193 -1.27 2.68 18.71
CA VAL C 193 0.15 3.03 18.57
C VAL C 193 1.04 2.40 19.64
N CYS C 194 0.53 2.23 20.86
CA CYS C 194 1.37 1.67 21.93
C CYS C 194 1.72 0.22 21.60
N ALA C 195 0.76 -0.49 21.03
CA ALA C 195 0.93 -1.89 20.66
C ALA C 195 1.84 -2.03 19.44
N ARG C 196 1.80 -1.06 18.52
CA ARG C 196 2.61 -1.13 17.31
C ARG C 196 4.08 -0.84 17.60
N TYR C 197 4.33 -0.04 18.64
CA TYR C 197 5.69 0.32 19.03
C TYR C 197 5.93 0.13 20.52
N PRO C 198 6.02 -1.14 20.96
CA PRO C 198 6.15 -1.41 22.39
C PRO C 198 7.48 -0.98 22.99
N GLN C 199 8.45 -0.59 22.15
CA GLN C 199 9.75 -0.11 22.64
C GLN C 199 9.71 1.39 22.96
N ILE C 200 8.60 2.02 22.60
CA ILE C 200 8.44 3.44 22.82
C ILE C 200 7.53 3.68 24.03
N ALA C 201 7.80 4.76 24.76
CA ALA C 201 6.94 5.18 25.86
C ALA C 201 6.06 6.32 25.38
N PHE C 202 4.78 6.04 25.17
CA PHE C 202 3.85 7.06 24.68
C PHE C 202 3.19 7.82 25.80
N GLN C 203 3.07 9.14 25.61
CA GLN C 203 2.25 9.97 26.48
C GLN C 203 1.00 10.37 25.73
N SER C 204 -0.17 10.24 26.35
CA SER C 204 -1.41 10.68 25.73
C SER C 204 -1.63 12.15 26.08
N SER C 205 -2.33 12.87 25.22
CA SER C 205 -2.62 14.27 25.50
C SER C 205 -3.87 14.74 24.75
N GLY C 206 -4.74 15.46 25.45
CA GLY C 206 -5.90 16.08 24.84
C GLY C 206 -7.22 15.38 25.12
N GLY C 207 -8.15 16.09 25.75
CA GLY C 207 -9.51 15.61 25.91
C GLY C 207 -9.97 15.11 27.27
N ILE C 208 -9.05 14.79 28.18
CA ILE C 208 -9.47 14.30 29.48
C ILE C 208 -10.48 15.26 30.12
N GLY C 209 -11.60 14.72 30.57
CA GLY C 209 -12.67 15.54 31.10
C GLY C 209 -13.21 15.14 32.46
N ASP C 210 -13.16 13.84 32.75
CA ASP C 210 -13.54 13.36 34.08
C ASP C 210 -12.71 12.13 34.44
N ILE C 211 -12.96 11.57 35.62
N ILE C 211 -12.93 11.59 35.64
CA ILE C 211 -12.15 10.47 36.14
CA ILE C 211 -12.14 10.46 36.12
C ILE C 211 -12.33 9.19 35.29
C ILE C 211 -12.30 9.24 35.21
N ASP C 212 -13.51 9.03 34.70
CA ASP C 212 -13.77 7.92 33.80
C ASP C 212 -12.85 7.93 32.59
N ASP C 213 -12.48 9.12 32.13
CA ASP C 213 -11.55 9.26 31.00
C ASP C 213 -10.14 8.77 31.34
N ILE C 214 -9.74 8.92 32.59
CA ILE C 214 -8.45 8.39 33.02
C ILE C 214 -8.50 6.87 33.09
N ALA C 215 -9.57 6.34 33.69
CA ALA C 215 -9.76 4.89 33.80
C ALA C 215 -9.76 4.21 32.43
N ALA C 216 -10.26 4.93 31.43
CA ALA C 216 -10.42 4.39 30.08
C ALA C 216 -9.07 4.16 29.39
N LEU C 217 -8.02 4.80 29.90
CA LEU C 217 -6.70 4.70 29.29
C LEU C 217 -5.80 3.67 29.98
N ARG C 218 -6.30 3.06 31.06
CA ARG C 218 -5.47 2.19 31.88
C ARG C 218 -4.86 1.01 31.13
N GLY C 219 -5.65 0.33 30.31
CA GLY C 219 -5.15 -0.87 29.66
C GLY C 219 -4.40 -0.63 28.36
N THR C 220 -4.26 0.62 27.96
CA THR C 220 -3.80 0.95 26.62
C THR C 220 -2.29 0.85 26.43
N GLY C 221 -1.53 0.90 27.53
CA GLY C 221 -0.09 0.82 27.41
C GLY C 221 0.60 2.17 27.39
N VAL C 222 -0.21 3.23 27.44
CA VAL C 222 0.32 4.59 27.56
C VAL C 222 1.14 4.71 28.86
N ARG C 223 2.30 5.39 28.79
CA ARG C 223 3.16 5.52 29.98
C ARG C 223 2.92 6.83 30.74
N GLY C 224 2.25 7.79 30.10
CA GLY C 224 1.96 9.06 30.73
C GLY C 224 0.65 9.64 30.21
N VAL C 225 -0.20 10.11 31.12
CA VAL C 225 -1.49 10.70 30.73
C VAL C 225 -1.44 12.19 31.02
N ILE C 226 -1.32 13.00 29.98
CA ILE C 226 -1.24 14.43 30.18
C ILE C 226 -2.66 15.00 30.37
N VAL C 227 -2.81 15.81 31.41
CA VAL C 227 -4.11 16.36 31.78
C VAL C 227 -3.96 17.84 32.03
N GLY C 228 -4.70 18.65 31.29
CA GLY C 228 -4.58 20.09 31.41
C GLY C 228 -5.84 20.71 31.99
N ARG C 229 -6.84 20.89 31.13
CA ARG C 229 -8.03 21.65 31.48
C ARG C 229 -8.85 21.06 32.64
N ALA C 230 -8.93 19.73 32.73
CA ALA C 230 -9.77 19.11 33.74
C ALA C 230 -9.25 19.42 35.15
N LEU C 231 -7.94 19.48 35.30
CA LEU C 231 -7.35 19.78 36.62
C LEU C 231 -7.48 21.25 36.93
N LEU C 232 -7.27 22.08 35.92
CA LEU C 232 -7.35 23.53 36.10
C LEU C 232 -8.75 24.00 36.45
N GLU C 233 -9.77 23.27 35.99
CA GLU C 233 -11.15 23.69 36.23
C GLU C 233 -11.79 22.84 37.30
N GLY C 234 -10.96 22.07 38.02
CA GLY C 234 -11.39 21.38 39.21
C GLY C 234 -12.37 20.25 39.01
N LYS C 235 -12.31 19.62 37.84
CA LYS C 235 -13.18 18.48 37.54
C LYS C 235 -12.86 17.30 38.44
N PHE C 236 -11.58 17.18 38.78
CA PHE C 236 -11.09 16.23 39.77
C PHE C 236 -9.72 16.71 40.25
N THR C 237 -9.20 16.13 41.32
CA THR C 237 -7.88 16.49 41.79
C THR C 237 -6.80 15.52 41.30
N VAL C 238 -5.55 15.91 41.47
CA VAL C 238 -4.42 15.08 41.09
C VAL C 238 -4.46 13.77 41.89
N LYS C 239 -4.74 13.88 43.19
CA LYS C 239 -4.79 12.72 44.08
C LYS C 239 -5.80 11.70 43.57
N GLU C 240 -6.98 12.17 43.21
CA GLU C 240 -8.03 11.32 42.64
C GLU C 240 -7.59 10.70 41.32
N ALA C 241 -6.97 11.51 40.46
CA ALA C 241 -6.48 11.04 39.18
C ALA C 241 -5.45 9.93 39.33
N ILE C 242 -4.54 10.10 40.29
CA ILE C 242 -3.49 9.13 40.54
C ILE C 242 -4.03 7.80 41.05
N GLN C 243 -4.96 7.85 42.00
CA GLN C 243 -5.53 6.63 42.57
C GLN C 243 -6.33 5.86 41.51
N CYS C 244 -6.99 6.58 40.63
CA CYS C 244 -7.68 5.94 39.52
C CYS C 244 -6.67 5.28 38.59
N TRP C 245 -5.65 6.03 38.24
CA TRP C 245 -4.66 5.57 37.28
C TRP C 245 -3.92 4.32 37.80
N GLN C 246 -3.72 4.25 39.12
CA GLN C 246 -2.98 3.13 39.73
C GLN C 246 -3.86 1.94 40.15
N ASN C 247 -5.16 2.01 39.83
CA ASN C 247 -6.17 1.05 40.30
C ASN C 247 -6.46 1.21 41.79
#